data_4TRZ
#
_entry.id   4TRZ
#
_cell.length_a   81.872
_cell.length_b   102.420
_cell.length_c   101.587
_cell.angle_alpha   90.000
_cell.angle_beta   103.490
_cell.angle_gamma   90.000
#
_symmetry.space_group_name_H-M   'P 1 21 1'
#
loop_
_entity.id
_entity.type
_entity.pdbx_description
1 polymer 'Beta-secretase 1'
2 polymer '2-thiophenyl HEA-type inhibitor'
3 water water
#
loop_
_entity_poly.entity_id
_entity_poly.type
_entity_poly.pdbx_seq_one_letter_code
_entity_poly.pdbx_strand_id
1 'polypeptide(L)'
;FVEMVDNLRGKSGQGYYVEMTVGSPPQTLNILVDTGSSNFAVGAAPHPFLHRYYQRQLSSTYRDLRKGVYVPYTQGKWEG
ELGTDLVSIPHGPNVTVRANIAAITESDKFFINGSNWEGILGLAYAEIARPDDSLEPFFDSLVKQTHVPNLFSLQLCGAG
FPLNQSEVLASVGGSMIIGGIDHSLYTGSLWYTPIRREWYYEVIIVRVEINGQDLKMDCKEYNYDKSIVDSGTTNLRLPK
KVFEAAVKSIKAASSTEKFPDGFWLGEQLVCWQAGTTPWNIFPVISLYLMGEVTNQSFRITILPQQYLRPVEDVATSQDD
CYKFAISQSSTGTVMGAVIMEGFYVVFDRARKRIGFAVSACHVHDEFRTAAVEGPFVTLDMEDCGYNI
;
A,B,C
2 'polypeptide(L)' EI(TIH)(TVA) D,E,F
#
loop_
_chem_comp.id
_chem_comp.type
_chem_comp.name
_chem_comp.formula
TVA peptide-like N-[(2R,3S)-3-amino-2-hydroxy-4-(thiophen-2-yl)butyl]-L-norvaline 'C13 H22 N2 O3 S'
#
# COMPACT_ATOMS: atom_id res chain seq x y z
N PHE A 1 -24.72 5.14 -26.79
CA PHE A 1 -24.10 4.67 -25.56
C PHE A 1 -24.96 3.71 -24.80
N VAL A 2 -26.26 3.80 -24.97
CA VAL A 2 -27.15 2.88 -24.32
C VAL A 2 -26.88 1.52 -24.87
N GLU A 3 -26.38 1.48 -26.10
CA GLU A 3 -26.18 0.23 -26.78
C GLU A 3 -25.24 -0.55 -25.91
N MET A 4 -24.30 0.16 -25.30
CA MET A 4 -23.24 -0.50 -24.54
C MET A 4 -23.51 -0.77 -23.09
N VAL A 5 -24.60 -0.26 -22.54
CA VAL A 5 -24.85 -0.48 -21.14
C VAL A 5 -25.13 -1.94 -20.89
N ASP A 6 -24.64 -2.44 -19.79
CA ASP A 6 -24.96 -3.77 -19.33
C ASP A 6 -24.36 -4.88 -20.13
N ASN A 7 -23.41 -4.55 -20.99
CA ASN A 7 -22.79 -5.55 -21.83
C ASN A 7 -22.10 -6.58 -20.95
N LEU A 8 -21.52 -6.10 -19.85
CA LEU A 8 -20.63 -6.91 -19.05
C LEU A 8 -21.36 -7.90 -18.22
N ARG A 9 -20.68 -8.98 -17.86
CA ARG A 9 -21.20 -9.91 -16.89
C ARG A 9 -20.06 -10.46 -16.08
N GLY A 10 -20.35 -10.90 -14.86
CA GLY A 10 -19.35 -11.54 -14.05
C GLY A 10 -19.44 -11.18 -12.59
N LYS A 11 -18.41 -11.56 -11.85
CA LYS A 11 -18.27 -11.22 -10.44
C LYS A 11 -16.79 -10.98 -10.13
N SER A 12 -16.51 -10.43 -8.96
CA SER A 12 -15.14 -10.12 -8.59
C SER A 12 -14.34 -11.40 -8.58
N GLY A 13 -14.96 -12.48 -8.14
CA GLY A 13 -14.29 -13.75 -8.05
C GLY A 13 -13.71 -14.26 -9.32
N GLN A 14 -14.43 -14.08 -10.41
CA GLN A 14 -14.06 -14.67 -11.67
C GLN A 14 -13.90 -13.70 -12.81
N GLY A 15 -14.07 -12.43 -12.56
CA GLY A 15 -13.80 -11.43 -13.58
C GLY A 15 -15.05 -11.17 -14.34
N TYR A 16 -15.10 -10.03 -15.02
CA TYR A 16 -16.25 -9.60 -15.77
C TYR A 16 -15.88 -9.70 -17.21
N TYR A 17 -16.77 -10.22 -18.04
CA TYR A 17 -16.41 -10.49 -19.40
C TYR A 17 -17.34 -9.79 -20.32
N VAL A 18 -16.92 -9.64 -21.55
CA VAL A 18 -17.69 -8.91 -22.51
C VAL A 18 -17.71 -9.77 -23.73
N GLU A 19 -18.65 -9.55 -24.62
CA GLU A 19 -18.80 -10.41 -25.75
C GLU A 19 -18.15 -9.79 -26.95
N MET A 20 -17.37 -10.59 -27.66
CA MET A 20 -16.68 -10.13 -28.83
C MET A 20 -16.79 -11.21 -29.86
N THR A 21 -16.54 -10.85 -31.11
CA THR A 21 -16.55 -11.81 -32.17
C THR A 21 -15.25 -11.67 -32.89
N VAL A 22 -14.65 -12.78 -33.28
CA VAL A 22 -13.32 -12.74 -33.89
C VAL A 22 -13.26 -13.51 -35.19
N GLY A 23 -12.57 -12.94 -36.18
CA GLY A 23 -12.35 -13.66 -37.41
C GLY A 23 -13.48 -13.51 -38.38
N SER A 24 -13.32 -14.08 -39.57
CA SER A 24 -14.38 -14.09 -40.56
C SER A 24 -14.66 -15.47 -41.15
N PRO A 25 -15.92 -15.87 -41.16
CA PRO A 25 -16.98 -15.09 -40.53
C PRO A 25 -16.67 -14.96 -39.06
N PRO A 26 -17.48 -14.22 -38.31
CA PRO A 26 -17.18 -13.97 -36.89
C PRO A 26 -17.51 -15.14 -35.96
N GLN A 27 -16.63 -15.40 -35.00
CA GLN A 27 -16.88 -16.40 -33.98
C GLN A 27 -17.09 -15.73 -32.65
N THR A 28 -18.23 -15.99 -32.04
CA THR A 28 -18.57 -15.34 -30.80
C THR A 28 -17.66 -15.87 -29.74
N LEU A 29 -17.29 -15.01 -28.81
CA LEU A 29 -16.49 -15.43 -27.69
C LEU A 29 -16.76 -14.47 -26.59
N ASN A 30 -16.50 -14.88 -25.36
CA ASN A 30 -16.65 -14.02 -24.20
C ASN A 30 -15.26 -13.75 -23.63
N ILE A 31 -14.94 -12.47 -23.46
CA ILE A 31 -13.61 -12.08 -23.07
C ILE A 31 -13.54 -11.35 -21.77
N LEU A 32 -12.58 -11.73 -20.92
CA LEU A 32 -12.36 -11.04 -19.65
C LEU A 32 -11.84 -9.64 -19.92
N VAL A 33 -12.30 -8.67 -19.14
CA VAL A 33 -11.85 -7.31 -19.33
C VAL A 33 -10.77 -7.08 -18.29
N ASP A 34 -9.56 -6.84 -18.73
CA ASP A 34 -8.46 -6.62 -17.81
C ASP A 34 -7.74 -5.34 -18.10
N THR A 35 -7.68 -4.47 -17.11
CA THR A 35 -6.91 -3.26 -17.17
C THR A 35 -5.58 -3.47 -16.53
N GLY A 36 -5.26 -4.72 -16.22
CA GLY A 36 -4.01 -5.05 -15.56
C GLY A 36 -2.97 -5.55 -16.53
N SER A 37 -3.39 -5.80 -17.76
CA SER A 37 -2.50 -6.28 -18.80
C SER A 37 -2.90 -5.61 -20.11
N SER A 38 -1.96 -5.52 -21.03
CA SER A 38 -2.26 -4.91 -22.33
C SER A 38 -2.36 -5.92 -23.50
N ASN A 39 -2.54 -7.19 -23.15
CA ASN A 39 -2.40 -8.25 -24.14
C ASN A 39 -3.77 -8.85 -24.36
N PHE A 40 -4.21 -8.85 -25.61
CA PHE A 40 -5.45 -9.51 -25.98
C PHE A 40 -5.13 -10.94 -26.30
N ALA A 41 -5.91 -11.88 -25.80
CA ALA A 41 -5.59 -13.29 -26.02
C ALA A 41 -6.76 -14.20 -25.86
N VAL A 42 -6.76 -15.34 -26.56
CA VAL A 42 -7.92 -16.24 -26.58
C VAL A 42 -7.58 -17.72 -26.75
N GLY A 43 -8.52 -18.60 -26.38
CA GLY A 43 -8.31 -20.01 -26.51
C GLY A 43 -8.57 -20.50 -27.91
N ALA A 44 -7.52 -21.03 -28.53
CA ALA A 44 -7.65 -21.55 -29.85
C ALA A 44 -7.68 -23.05 -29.84
N ALA A 45 -7.74 -23.64 -28.67
CA ALA A 45 -7.73 -25.08 -28.61
C ALA A 45 -8.54 -25.63 -27.46
N PRO A 46 -8.96 -26.88 -27.62
CA PRO A 46 -9.87 -27.50 -26.64
C PRO A 46 -9.22 -27.57 -25.27
N HIS A 47 -10.02 -27.24 -24.27
CA HIS A 47 -9.59 -27.28 -22.89
C HIS A 47 -10.75 -27.70 -22.03
N PRO A 48 -10.47 -28.31 -20.89
CA PRO A 48 -11.53 -28.82 -20.04
C PRO A 48 -12.46 -27.72 -19.59
N PHE A 49 -11.90 -26.55 -19.33
CA PHE A 49 -12.66 -25.45 -18.77
C PHE A 49 -13.25 -24.56 -19.82
N LEU A 50 -13.08 -24.94 -21.07
CA LEU A 50 -13.55 -24.12 -22.15
C LEU A 50 -14.67 -24.70 -22.96
N HIS A 51 -15.78 -23.98 -22.99
CA HIS A 51 -16.89 -24.29 -23.87
C HIS A 51 -16.58 -24.12 -25.34
N ARG A 52 -15.87 -23.06 -25.68
CA ARG A 52 -15.58 -22.74 -27.07
C ARG A 52 -14.20 -22.19 -27.23
N TYR A 53 -13.65 -22.23 -28.44
CA TYR A 53 -12.32 -21.71 -28.66
C TYR A 53 -12.08 -21.18 -30.05
N TYR A 54 -10.96 -20.52 -30.25
CA TYR A 54 -10.74 -19.86 -31.51
C TYR A 54 -10.17 -20.82 -32.52
N GLN A 55 -10.88 -21.01 -33.61
CA GLN A 55 -10.34 -21.81 -34.67
C GLN A 55 -9.98 -20.90 -35.80
N ARG A 56 -8.68 -20.71 -35.95
CA ARG A 56 -8.14 -19.84 -36.96
C ARG A 56 -8.46 -20.44 -38.30
N GLN A 57 -8.64 -21.76 -38.33
CA GLN A 57 -8.76 -22.46 -39.61
C GLN A 57 -9.96 -21.92 -40.37
N LEU A 58 -11.03 -21.65 -39.64
CA LEU A 58 -12.22 -21.05 -40.21
C LEU A 58 -12.13 -19.60 -40.57
N SER A 59 -11.39 -18.83 -39.80
CA SER A 59 -11.32 -17.43 -40.15
C SER A 59 -10.67 -17.42 -41.51
N SER A 60 -11.33 -16.74 -42.44
CA SER A 60 -10.73 -16.45 -43.73
C SER A 60 -9.58 -15.47 -43.50
N THR A 61 -9.81 -14.50 -42.62
CA THR A 61 -8.91 -13.36 -42.47
C THR A 61 -7.79 -13.60 -41.45
N TYR A 62 -7.83 -14.73 -40.78
CA TYR A 62 -6.88 -14.94 -39.72
C TYR A 62 -5.55 -14.79 -40.41
N ARG A 63 -4.69 -13.97 -39.83
CA ARG A 63 -3.40 -13.71 -40.43
C ARG A 63 -2.40 -14.15 -39.40
N ASP A 64 -1.25 -14.64 -39.83
CA ASP A 64 -0.32 -15.19 -38.88
C ASP A 64 0.95 -14.42 -38.91
N LEU A 65 1.46 -14.15 -37.71
CA LEU A 65 2.71 -13.42 -37.52
C LEU A 65 3.92 -14.33 -37.44
N ARG A 66 3.68 -15.64 -37.36
CA ARG A 66 4.79 -16.56 -37.31
C ARG A 66 5.62 -16.13 -36.14
N LYS A 67 4.95 -15.89 -35.03
CA LYS A 67 5.63 -15.60 -33.78
C LYS A 67 4.95 -16.34 -32.65
N GLY A 68 5.62 -16.42 -31.51
CA GLY A 68 5.07 -17.10 -30.37
C GLY A 68 5.22 -16.19 -29.17
N VAL A 69 4.28 -16.26 -28.25
CA VAL A 69 4.34 -15.40 -27.09
C VAL A 69 3.98 -16.13 -25.85
N TYR A 70 4.49 -15.61 -24.74
CA TYR A 70 4.21 -16.13 -23.41
C TYR A 70 3.77 -14.97 -22.53
N VAL A 71 2.70 -15.18 -21.77
CA VAL A 71 2.16 -14.10 -20.94
C VAL A 71 2.16 -14.42 -19.44
N PRO A 72 2.60 -13.47 -18.62
CA PRO A 72 2.67 -13.72 -17.17
C PRO A 72 1.68 -12.90 -16.35
N TYR A 73 0.90 -13.58 -15.50
CA TYR A 73 -0.02 -12.90 -14.58
C TYR A 73 0.21 -13.42 -13.17
N THR A 74 -0.06 -12.61 -12.15
CA THR A 74 0.41 -12.97 -10.83
C THR A 74 -0.19 -14.34 -10.57
N GLN A 75 -1.29 -14.66 -11.24
CA GLN A 75 -2.01 -15.91 -10.98
C GLN A 75 -1.97 -16.99 -12.09
N GLY A 76 -2.36 -16.61 -13.31
CA GLY A 76 -2.33 -17.50 -14.44
C GLY A 76 -1.06 -17.30 -15.21
N LYS A 77 -0.84 -18.13 -16.21
CA LYS A 77 0.14 -17.84 -17.22
C LYS A 77 -0.26 -18.59 -18.46
N TRP A 78 0.11 -18.10 -19.64
CA TRP A 78 -0.19 -18.82 -20.86
C TRP A 78 0.81 -18.36 -21.91
N GLU A 79 1.05 -19.22 -22.90
CA GLU A 79 1.91 -18.93 -24.04
C GLU A 79 1.10 -19.33 -25.28
N GLY A 80 1.34 -18.67 -26.41
CA GLY A 80 0.43 -18.84 -27.52
C GLY A 80 1.06 -18.47 -28.84
N GLU A 81 0.28 -18.46 -29.91
CA GLU A 81 0.79 -18.05 -31.21
C GLU A 81 0.19 -16.71 -31.66
N LEU A 82 1.06 -15.74 -31.97
CA LEU A 82 0.63 -14.45 -32.43
C LEU A 82 0.08 -14.52 -33.82
N GLY A 83 -0.97 -13.74 -34.06
CA GLY A 83 -1.65 -13.68 -35.34
C GLY A 83 -2.44 -12.41 -35.31
N THR A 84 -3.11 -12.07 -36.41
CA THR A 84 -4.03 -10.95 -36.43
C THR A 84 -5.31 -11.37 -37.14
N ASP A 85 -6.46 -10.86 -36.68
CA ASP A 85 -7.69 -11.20 -37.36
C ASP A 85 -8.63 -10.06 -37.13
N LEU A 86 -9.74 -10.01 -37.85
CA LEU A 86 -10.70 -8.96 -37.65
C LEU A 86 -11.38 -9.15 -36.33
N VAL A 87 -11.66 -8.08 -35.61
CA VAL A 87 -12.29 -8.22 -34.33
C VAL A 87 -13.38 -7.21 -34.12
N SER A 88 -14.42 -7.58 -33.40
CA SER A 88 -15.51 -6.70 -33.17
C SER A 88 -16.15 -6.93 -31.82
N ILE A 89 -16.86 -5.92 -31.34
CA ILE A 89 -17.71 -6.09 -30.20
C ILE A 89 -19.13 -5.82 -30.60
N PRO A 90 -19.98 -6.81 -30.47
CA PRO A 90 -21.34 -6.67 -30.89
C PRO A 90 -21.99 -5.60 -30.08
N HIS A 91 -21.76 -5.61 -28.79
CA HIS A 91 -22.43 -4.70 -27.89
C HIS A 91 -21.60 -3.47 -27.61
N GLY A 92 -20.59 -3.28 -28.43
CA GLY A 92 -19.75 -2.13 -28.39
C GLY A 92 -20.13 -1.17 -29.49
N PRO A 93 -19.22 -0.31 -29.88
CA PRO A 93 -19.47 0.60 -30.98
C PRO A 93 -19.54 -0.17 -32.27
N ASN A 94 -20.19 0.40 -33.28
CA ASN A 94 -20.38 -0.32 -34.53
C ASN A 94 -19.18 -0.21 -35.44
N VAL A 95 -18.10 -0.90 -35.08
CA VAL A 95 -16.95 -0.98 -35.94
C VAL A 95 -16.20 -2.30 -35.82
N THR A 96 -15.42 -2.60 -36.85
CA THR A 96 -14.62 -3.82 -36.87
C THR A 96 -13.20 -3.47 -37.22
N VAL A 97 -12.25 -4.10 -36.53
CA VAL A 97 -10.86 -3.77 -36.74
C VAL A 97 -9.95 -4.97 -36.70
N ARG A 98 -8.78 -4.84 -37.29
CA ARG A 98 -7.88 -5.95 -37.34
C ARG A 98 -6.88 -5.70 -36.26
N ALA A 99 -6.72 -6.66 -35.36
CA ALA A 99 -5.91 -6.47 -34.19
C ALA A 99 -5.16 -7.74 -33.89
N ASN A 100 -4.04 -7.61 -33.20
CA ASN A 100 -3.25 -8.78 -32.84
C ASN A 100 -4.04 -9.65 -31.88
N ILE A 101 -4.00 -10.96 -32.12
CA ILE A 101 -4.60 -11.88 -31.22
C ILE A 101 -3.63 -12.98 -31.00
N ALA A 102 -3.66 -13.58 -29.84
CA ALA A 102 -2.78 -14.66 -29.51
C ALA A 102 -3.63 -15.85 -29.29
N ALA A 103 -3.35 -16.95 -29.97
CA ALA A 103 -4.16 -18.13 -29.75
C ALA A 103 -3.46 -18.95 -28.72
N ILE A 104 -4.09 -19.13 -27.57
CA ILE A 104 -3.44 -19.80 -26.49
C ILE A 104 -3.45 -21.28 -26.66
N THR A 105 -2.26 -21.86 -26.54
CA THR A 105 -2.07 -23.28 -26.72
C THR A 105 -1.80 -24.02 -25.42
N GLU A 106 -0.89 -23.48 -24.61
CA GLU A 106 -0.58 -24.06 -23.33
C GLU A 106 -0.91 -23.02 -22.29
N SER A 107 -1.50 -23.41 -21.18
CA SER A 107 -1.82 -22.47 -20.14
C SER A 107 -1.56 -23.09 -18.81
N ASP A 108 -1.25 -22.27 -17.82
CA ASP A 108 -1.27 -22.70 -16.46
C ASP A 108 -2.18 -21.76 -15.67
N LYS A 109 -3.26 -22.30 -15.15
CA LYS A 109 -3.96 -21.64 -14.07
C LYS A 109 -4.52 -20.34 -14.60
N PHE A 110 -4.48 -20.18 -15.92
CA PHE A 110 -5.18 -19.09 -16.50
C PHE A 110 -6.67 -19.21 -16.54
N PHE A 111 -7.17 -20.25 -17.15
CA PHE A 111 -8.60 -20.37 -17.31
C PHE A 111 -9.24 -20.77 -16.02
N ILE A 112 -10.48 -20.36 -15.85
CA ILE A 112 -11.20 -20.55 -14.63
C ILE A 112 -12.45 -21.31 -14.96
N ASN A 113 -12.80 -22.24 -14.08
CA ASN A 113 -13.95 -23.09 -14.33
C ASN A 113 -15.20 -22.25 -14.24
N GLY A 114 -16.09 -22.46 -15.21
CA GLY A 114 -17.39 -21.85 -15.15
C GLY A 114 -17.29 -20.36 -15.10
N SER A 115 -16.12 -19.84 -15.45
CA SER A 115 -15.89 -18.41 -15.49
C SER A 115 -16.80 -17.97 -16.61
N ASN A 116 -16.91 -18.80 -17.65
CA ASN A 116 -17.77 -18.48 -18.79
C ASN A 116 -17.13 -17.47 -19.74
N TRP A 117 -15.85 -17.18 -19.51
CA TRP A 117 -15.09 -16.24 -20.30
C TRP A 117 -13.97 -17.08 -20.88
N GLU A 118 -13.79 -17.02 -22.19
CA GLU A 118 -12.81 -17.85 -22.84
C GLU A 118 -11.62 -17.07 -23.34
N GLY A 119 -11.59 -15.78 -23.03
CA GLY A 119 -10.54 -14.91 -23.51
C GLY A 119 -10.24 -13.77 -22.57
N ILE A 120 -9.13 -13.10 -22.77
CA ILE A 120 -8.78 -11.99 -21.92
C ILE A 120 -8.47 -10.77 -22.72
N LEU A 121 -8.88 -9.60 -22.25
CA LEU A 121 -8.58 -8.35 -22.93
C LEU A 121 -7.78 -7.47 -22.02
N GLY A 122 -6.58 -7.09 -22.42
CA GLY A 122 -5.81 -6.26 -21.54
C GLY A 122 -5.88 -4.89 -22.11
N LEU A 123 -6.35 -3.96 -21.32
CA LEU A 123 -6.61 -2.62 -21.81
C LEU A 123 -5.57 -1.66 -21.33
N ALA A 124 -4.50 -2.22 -20.82
CA ALA A 124 -3.42 -1.43 -20.29
C ALA A 124 -2.66 -0.95 -21.45
N TYR A 125 -1.58 -0.24 -21.20
CA TYR A 125 -0.78 0.32 -22.25
C TYR A 125 0.21 -0.66 -22.81
N ALA A 126 0.91 -0.21 -23.84
CA ALA A 126 1.82 -1.03 -24.61
C ALA A 126 3.01 -1.56 -23.87
N GLU A 127 3.54 -0.77 -22.95
CA GLU A 127 4.86 -1.00 -22.43
C GLU A 127 4.87 -2.37 -21.85
N ILE A 128 3.74 -2.78 -21.34
CA ILE A 128 3.66 -4.04 -20.64
C ILE A 128 3.16 -5.20 -21.50
N ALA A 129 3.03 -4.97 -22.79
CA ALA A 129 2.59 -6.02 -23.67
C ALA A 129 3.68 -7.02 -23.86
N ARG A 130 3.36 -8.18 -24.43
CA ARG A 130 4.37 -9.19 -24.73
C ARG A 130 4.29 -9.60 -26.21
N PRO A 131 5.44 -9.95 -26.78
CA PRO A 131 6.69 -10.00 -26.01
C PRO A 131 7.26 -8.62 -25.69
N ASP A 132 6.94 -7.62 -26.52
CA ASP A 132 7.44 -6.27 -26.35
C ASP A 132 6.48 -5.19 -26.80
N ASP A 133 6.85 -3.94 -26.59
CA ASP A 133 5.91 -2.87 -26.85
C ASP A 133 5.46 -2.98 -28.29
N SER A 134 6.35 -3.43 -29.16
CA SER A 134 6.12 -3.33 -30.57
C SER A 134 4.72 -3.77 -30.86
N LEU A 135 4.33 -4.85 -30.22
CA LEU A 135 3.05 -5.45 -30.45
C LEU A 135 2.02 -4.53 -29.91
N GLU A 136 1.04 -4.18 -30.72
CA GLU A 136 0.08 -3.15 -30.37
C GLU A 136 -1.07 -3.74 -29.61
N PRO A 137 -1.36 -3.17 -28.45
CA PRO A 137 -2.45 -3.69 -27.66
C PRO A 137 -3.72 -3.24 -28.29
N PHE A 138 -4.79 -3.94 -28.03
CA PHE A 138 -5.96 -3.82 -28.85
C PHE A 138 -6.55 -2.43 -28.90
N PHE A 139 -6.76 -1.81 -27.76
CA PHE A 139 -7.53 -0.59 -27.75
C PHE A 139 -6.88 0.41 -28.64
N ASP A 140 -5.57 0.40 -28.64
CA ASP A 140 -4.81 1.36 -29.43
C ASP A 140 -5.25 1.12 -30.85
N SER A 141 -5.47 -0.15 -31.18
CA SER A 141 -5.82 -0.51 -32.52
C SER A 141 -7.12 0.13 -32.79
N LEU A 142 -8.02 0.00 -31.85
CA LEU A 142 -9.35 0.45 -32.10
C LEU A 142 -9.29 1.91 -32.39
N VAL A 143 -8.57 2.64 -31.57
CA VAL A 143 -8.50 4.05 -31.73
C VAL A 143 -7.86 4.43 -33.05
N LYS A 144 -6.79 3.74 -33.37
CA LYS A 144 -6.04 4.06 -34.55
C LYS A 144 -6.85 3.85 -35.81
N GLN A 145 -7.62 2.79 -35.85
CA GLN A 145 -8.29 2.40 -37.07
C GLN A 145 -9.67 2.96 -37.17
N THR A 146 -10.06 3.80 -36.23
CA THR A 146 -11.43 4.23 -36.19
C THR A 146 -11.57 5.56 -35.53
N HIS A 147 -12.81 6.00 -35.42
CA HIS A 147 -13.10 7.31 -34.92
C HIS A 147 -13.57 7.23 -33.49
N VAL A 148 -13.31 6.11 -32.87
CA VAL A 148 -13.65 5.93 -31.48
C VAL A 148 -12.78 6.85 -30.68
N PRO A 149 -13.36 7.53 -29.72
CA PRO A 149 -12.63 8.44 -28.88
C PRO A 149 -11.70 7.64 -28.02
N ASN A 150 -10.60 8.21 -27.59
CA ASN A 150 -9.63 7.43 -26.85
C ASN A 150 -9.87 7.39 -25.37
N LEU A 151 -11.03 6.88 -24.99
CA LEU A 151 -11.31 6.63 -23.59
C LEU A 151 -12.32 5.51 -23.47
N PHE A 152 -12.30 4.80 -22.35
CA PHE A 152 -13.39 3.91 -22.04
C PHE A 152 -13.70 4.02 -20.56
N SER A 153 -14.93 3.72 -20.18
CA SER A 153 -15.36 3.92 -18.81
C SER A 153 -15.97 2.63 -18.31
N LEU A 154 -15.74 2.27 -17.05
CA LEU A 154 -16.18 0.99 -16.54
C LEU A 154 -17.03 1.03 -15.30
N GLN A 155 -18.24 0.51 -15.37
CA GLN A 155 -19.05 0.38 -14.19
C GLN A 155 -19.18 -1.06 -13.88
N LEU A 156 -18.75 -1.45 -12.69
CA LEU A 156 -18.78 -2.84 -12.32
C LEU A 156 -19.70 -3.00 -11.16
N CYS A 157 -20.73 -3.82 -11.37
CA CYS A 157 -21.79 -4.00 -10.38
C CYS A 157 -21.60 -5.37 -9.75
N GLY A 158 -21.72 -5.42 -8.42
CA GLY A 158 -21.41 -6.64 -7.72
C GLY A 158 -22.57 -7.18 -6.92
N ALA A 159 -22.72 -8.50 -6.94
CA ALA A 159 -23.85 -9.17 -6.34
C ALA A 159 -23.89 -9.06 -4.83
N GLY A 160 -25.09 -9.12 -4.29
CA GLY A 160 -25.33 -9.23 -2.86
C GLY A 160 -24.85 -10.49 -2.18
N PHE A 161 -25.03 -11.61 -2.90
CA PHE A 161 -24.73 -12.98 -2.41
C PHE A 161 -24.21 -13.84 -3.57
N PRO A 162 -23.56 -14.97 -3.26
CA PRO A 162 -22.87 -15.74 -4.30
C PRO A 162 -23.71 -16.07 -5.53
N LEU A 163 -23.10 -15.95 -6.70
CA LEU A 163 -23.80 -16.19 -7.95
C LEU A 163 -23.22 -17.37 -8.71
N ASN A 164 -24.10 -18.29 -9.11
CA ASN A 164 -23.71 -19.46 -9.88
C ASN A 164 -23.31 -19.07 -11.31
N GLN A 165 -22.47 -19.88 -11.93
CA GLN A 165 -22.02 -19.61 -13.29
C GLN A 165 -23.24 -19.62 -14.21
N SER A 166 -24.14 -20.56 -13.98
CA SER A 166 -25.40 -20.61 -14.70
C SER A 166 -26.22 -19.38 -14.30
N GLU A 167 -26.19 -19.06 -13.02
CA GLU A 167 -26.85 -17.88 -12.48
C GLU A 167 -26.24 -16.61 -13.08
N VAL A 168 -24.92 -16.61 -13.22
CA VAL A 168 -24.20 -15.45 -13.74
C VAL A 168 -24.67 -15.15 -15.17
N LEU A 169 -24.86 -16.19 -15.96
CA LEU A 169 -25.40 -16.02 -17.32
C LEU A 169 -26.72 -15.23 -17.30
N ALA A 170 -27.62 -15.62 -16.41
CA ALA A 170 -28.82 -14.83 -16.15
C ALA A 170 -28.44 -13.48 -15.56
N SER A 171 -27.47 -13.50 -14.64
CA SER A 171 -27.02 -12.32 -13.92
C SER A 171 -26.19 -11.35 -14.78
N VAL A 172 -26.34 -10.06 -14.50
CA VAL A 172 -25.53 -9.02 -15.14
C VAL A 172 -24.83 -8.17 -14.09
N GLY A 173 -23.53 -7.94 -14.28
CA GLY A 173 -22.77 -7.14 -13.35
C GLY A 173 -22.26 -5.79 -13.71
N GLY A 174 -22.12 -5.51 -14.98
CA GLY A 174 -21.49 -4.27 -15.34
C GLY A 174 -21.70 -3.72 -16.71
N SER A 175 -21.37 -2.44 -16.88
CA SER A 175 -21.36 -1.79 -18.18
C SER A 175 -20.00 -1.18 -18.52
N MET A 176 -19.50 -1.46 -19.72
CA MET A 176 -18.27 -0.88 -20.21
C MET A 176 -18.62 -0.01 -21.38
N ILE A 177 -18.31 1.27 -21.28
CA ILE A 177 -18.64 2.21 -22.32
C ILE A 177 -17.37 2.58 -23.02
N ILE A 178 -17.38 2.56 -24.33
CA ILE A 178 -16.18 2.74 -25.08
C ILE A 178 -16.12 4.06 -25.80
N GLY A 179 -15.04 4.78 -25.56
CA GLY A 179 -14.90 6.12 -26.05
C GLY A 179 -16.04 6.92 -25.50
N GLY A 180 -16.36 6.71 -24.24
CA GLY A 180 -17.46 7.42 -23.67
C GLY A 180 -17.58 7.49 -22.18
N ILE A 181 -18.43 8.39 -21.75
CA ILE A 181 -18.98 8.42 -20.42
C ILE A 181 -20.47 8.47 -20.55
N ASP A 182 -21.19 7.60 -19.86
CA ASP A 182 -22.62 7.70 -19.91
C ASP A 182 -23.09 8.13 -18.55
N HIS A 183 -23.63 9.32 -18.49
CA HIS A 183 -23.90 9.94 -17.23
C HIS A 183 -24.91 9.25 -16.41
N SER A 184 -25.77 8.47 -17.05
CA SER A 184 -26.84 7.83 -16.33
C SER A 184 -26.15 6.96 -15.28
N LEU A 185 -25.02 6.42 -15.67
CA LEU A 185 -24.32 5.41 -14.89
C LEU A 185 -24.09 5.92 -13.48
N TYR A 186 -23.69 7.17 -13.33
CA TYR A 186 -23.16 7.59 -12.06
C TYR A 186 -23.83 8.82 -11.53
N THR A 187 -23.53 9.13 -10.28
CA THR A 187 -24.15 10.26 -9.63
C THR A 187 -23.10 11.16 -9.07
N GLY A 188 -23.43 12.42 -8.90
CA GLY A 188 -22.46 13.30 -8.31
C GLY A 188 -21.43 13.60 -9.34
N SER A 189 -20.26 14.10 -8.92
CA SER A 189 -19.25 14.62 -9.85
C SER A 189 -17.98 13.77 -9.89
N LEU A 190 -17.50 13.50 -11.10
CA LEU A 190 -16.35 12.67 -11.31
C LEU A 190 -15.22 13.43 -10.71
N TRP A 191 -14.27 12.71 -10.14
CA TRP A 191 -13.06 13.28 -9.62
C TRP A 191 -11.94 12.51 -10.27
N TYR A 192 -10.92 13.21 -10.71
CA TYR A 192 -9.93 12.65 -11.56
C TYR A 192 -8.57 12.74 -10.95
N THR A 193 -7.76 11.74 -11.21
CA THR A 193 -6.43 11.72 -10.70
C THR A 193 -5.57 11.33 -11.86
N PRO A 194 -4.34 11.80 -11.90
CA PRO A 194 -3.50 11.62 -13.07
C PRO A 194 -2.99 10.22 -13.23
N ILE A 195 -2.59 9.84 -14.44
CA ILE A 195 -1.96 8.56 -14.67
C ILE A 195 -0.48 8.86 -14.65
N ARG A 196 0.22 8.34 -13.65
CA ARG A 196 1.63 8.66 -13.45
C ARG A 196 2.52 8.22 -14.62
N ARG A 197 2.26 7.02 -15.13
CA ARG A 197 3.06 6.49 -16.23
C ARG A 197 2.20 5.56 -17.06
N GLU A 198 2.25 5.70 -18.38
CA GLU A 198 1.39 4.90 -19.23
C GLU A 198 1.93 3.51 -19.43
N TRP A 199 1.84 2.70 -18.40
CA TRP A 199 2.00 1.29 -18.55
C TRP A 199 1.00 0.36 -17.94
N TYR A 200 0.88 0.40 -16.62
CA TYR A 200 -0.29 -0.07 -15.91
C TYR A 200 -1.02 1.21 -15.71
N TYR A 201 -2.24 1.20 -15.23
CA TYR A 201 -2.90 2.45 -14.98
C TYR A 201 -2.48 2.90 -13.62
N GLU A 202 -1.23 3.32 -13.51
CA GLU A 202 -0.62 3.62 -12.24
C GLU A 202 -1.11 4.90 -11.67
N VAL A 203 -1.15 4.97 -10.34
CA VAL A 203 -1.68 6.15 -9.65
C VAL A 203 -0.99 6.36 -8.31
N ILE A 204 -1.06 7.58 -7.79
CA ILE A 204 -0.43 7.87 -6.53
C ILE A 204 -1.49 8.07 -5.48
N ILE A 205 -1.29 7.45 -4.33
CA ILE A 205 -2.20 7.51 -3.22
C ILE A 205 -1.51 8.26 -2.13
N VAL A 206 -2.13 9.33 -1.68
CA VAL A 206 -1.52 10.24 -0.76
C VAL A 206 -1.87 10.09 0.70
N ARG A 207 -3.08 9.67 1.01
CA ARG A 207 -3.46 9.51 2.38
C ARG A 207 -4.30 8.30 2.45
N VAL A 208 -4.33 7.65 3.61
CA VAL A 208 -5.28 6.60 3.80
C VAL A 208 -5.83 6.72 5.17
N GLU A 209 -7.13 6.56 5.32
CA GLU A 209 -7.79 6.68 6.61
C GLU A 209 -8.74 5.54 6.78
N ILE A 210 -8.81 4.96 7.97
CA ILE A 210 -9.84 3.99 8.24
C ILE A 210 -10.74 4.49 9.33
N ASN A 211 -12.00 4.68 9.01
CA ASN A 211 -12.92 5.16 9.99
C ASN A 211 -12.36 6.43 10.53
N GLY A 212 -11.80 7.24 9.65
CA GLY A 212 -11.31 8.56 10.02
C GLY A 212 -9.98 8.60 10.71
N GLN A 213 -9.32 7.46 10.76
CA GLN A 213 -8.08 7.37 11.48
C GLN A 213 -7.10 7.33 10.39
N ASP A 214 -6.06 8.12 10.53
CA ASP A 214 -5.10 8.22 9.48
C ASP A 214 -4.05 7.27 9.91
N LEU A 215 -3.62 6.41 8.99
CA LEU A 215 -2.60 5.44 9.27
C LEU A 215 -1.38 6.25 9.64
N LYS A 216 -1.21 7.37 8.94
CA LYS A 216 -0.07 8.20 9.17
C LYS A 216 1.18 7.39 8.92
N MET A 217 1.16 6.59 7.89
CA MET A 217 2.35 5.99 7.32
C MET A 217 2.95 6.94 6.32
N ASP A 218 4.15 6.68 5.86
CA ASP A 218 4.74 7.53 4.84
C ASP A 218 4.01 7.22 3.53
N CYS A 219 3.61 8.28 2.85
CA CYS A 219 2.80 8.17 1.64
C CYS A 219 3.48 7.33 0.57
N LYS A 220 4.81 7.28 0.61
CA LYS A 220 5.53 6.54 -0.39
C LYS A 220 5.09 5.14 -0.10
N GLU A 221 4.78 4.89 1.14
CA GLU A 221 4.61 3.53 1.55
C GLU A 221 3.49 2.87 0.82
N TYR A 222 2.45 3.65 0.57
CA TYR A 222 1.25 3.20 -0.09
C TYR A 222 1.49 2.77 -1.51
N ASN A 223 2.40 3.47 -2.13
CA ASN A 223 2.64 3.37 -3.54
C ASN A 223 3.87 2.60 -3.81
N TYR A 224 4.23 1.72 -2.89
CA TYR A 224 5.47 0.96 -3.05
C TYR A 224 5.16 -0.42 -3.57
N ASP A 225 5.65 -0.69 -4.79
CA ASP A 225 6.30 0.31 -5.56
C ASP A 225 5.38 1.06 -6.47
N LYS A 226 4.11 0.67 -6.50
CA LYS A 226 3.18 1.35 -7.37
C LYS A 226 1.78 1.09 -6.95
N SER A 227 0.85 1.92 -7.37
CA SER A 227 -0.53 1.70 -7.10
C SER A 227 -1.12 1.72 -8.45
N ILE A 228 -1.85 0.68 -8.80
CA ILE A 228 -2.42 0.56 -10.14
C ILE A 228 -3.87 0.12 -10.05
N VAL A 229 -4.67 0.54 -11.03
CA VAL A 229 -6.06 0.18 -11.02
C VAL A 229 -6.29 -0.98 -11.95
N ASP A 230 -6.74 -2.08 -11.40
CA ASP A 230 -6.81 -3.29 -12.16
C ASP A 230 -8.14 -3.91 -11.99
N SER A 231 -8.84 -4.17 -13.08
CA SER A 231 -10.02 -4.98 -13.00
C SER A 231 -9.68 -6.42 -13.16
N GLY A 232 -8.41 -6.70 -13.39
CA GLY A 232 -7.93 -8.04 -13.49
C GLY A 232 -8.09 -8.75 -12.18
N THR A 233 -7.79 -8.02 -11.11
CA THR A 233 -7.59 -8.60 -9.79
C THR A 233 -8.85 -8.50 -8.93
N THR A 234 -9.19 -9.64 -8.34
CA THR A 234 -10.39 -9.75 -7.53
C THR A 234 -10.28 -8.90 -6.27
N ASN A 235 -9.10 -8.87 -5.67
CA ASN A 235 -8.90 -8.32 -4.33
C ASN A 235 -7.93 -7.15 -4.23
N LEU A 236 -8.17 -6.30 -3.23
CA LEU A 236 -7.44 -5.08 -3.05
C LEU A 236 -6.21 -5.55 -2.40
N ARG A 237 -5.07 -5.26 -2.98
CA ARG A 237 -3.85 -5.81 -2.49
C ARG A 237 -2.95 -4.71 -2.02
N LEU A 238 -2.40 -4.86 -0.81
CA LEU A 238 -1.61 -3.80 -0.19
C LEU A 238 -0.22 -4.29 0.21
N PRO A 239 0.77 -3.42 0.08
CA PRO A 239 2.15 -3.82 0.30
C PRO A 239 2.20 -4.19 1.73
N LYS A 240 3.21 -4.92 2.12
CA LYS A 240 3.15 -5.60 3.38
C LYS A 240 2.97 -4.65 4.49
N LYS A 241 3.74 -3.57 4.50
CA LYS A 241 3.69 -2.70 5.65
C LYS A 241 2.32 -2.13 5.74
N VAL A 242 1.79 -1.71 4.61
CA VAL A 242 0.48 -1.15 4.58
C VAL A 242 -0.58 -2.16 4.94
N PHE A 243 -0.48 -3.35 4.40
CA PHE A 243 -1.49 -4.34 4.64
C PHE A 243 -1.56 -4.64 6.12
N GLU A 244 -0.43 -4.85 6.74
CA GLU A 244 -0.43 -5.23 8.12
C GLU A 244 -1.08 -4.13 8.86
N ALA A 245 -0.86 -2.92 8.41
CA ALA A 245 -1.41 -1.79 9.10
C ALA A 245 -2.92 -1.81 9.11
N ALA A 246 -3.51 -2.07 7.98
CA ALA A 246 -4.95 -2.05 7.93
C ALA A 246 -5.49 -3.12 8.80
N VAL A 247 -4.89 -4.30 8.69
CA VAL A 247 -5.44 -5.50 9.28
C VAL A 247 -5.55 -5.32 10.77
N LYS A 248 -4.55 -4.66 11.35
CA LYS A 248 -4.55 -4.46 12.76
C LYS A 248 -5.69 -3.55 13.03
N SER A 249 -5.78 -2.52 12.22
CA SER A 249 -6.82 -1.52 12.38
C SER A 249 -8.18 -2.10 12.17
N ILE A 250 -8.35 -2.91 11.15
CA ILE A 250 -9.61 -3.55 10.94
C ILE A 250 -10.02 -4.49 12.04
N LYS A 251 -9.07 -5.26 12.53
CA LYS A 251 -9.36 -6.29 13.51
C LYS A 251 -9.93 -5.60 14.74
N ALA A 252 -9.39 -4.44 15.05
CA ALA A 252 -9.73 -3.76 16.26
C ALA A 252 -11.19 -3.42 16.19
N ALA A 253 -11.61 -2.88 15.06
CA ALA A 253 -12.95 -2.41 14.88
C ALA A 253 -13.90 -3.56 14.98
N SER A 254 -13.43 -4.71 14.54
CA SER A 254 -14.21 -5.91 14.48
C SER A 254 -13.92 -6.85 15.61
N SER A 255 -13.20 -6.39 16.62
CA SER A 255 -12.56 -7.30 17.55
C SER A 255 -13.62 -8.17 18.20
N THR A 256 -14.83 -7.67 18.28
CA THR A 256 -15.80 -8.21 19.22
C THR A 256 -15.96 -9.66 18.85
N GLU A 257 -15.66 -9.96 17.59
CA GLU A 257 -16.06 -11.23 17.02
C GLU A 257 -14.81 -12.03 16.77
N LYS A 258 -14.96 -13.34 16.68
CA LYS A 258 -13.81 -14.20 16.50
C LYS A 258 -13.70 -14.65 15.05
N PHE A 259 -12.55 -14.36 14.46
CA PHE A 259 -12.27 -14.76 13.10
C PHE A 259 -10.97 -15.52 13.21
N PRO A 260 -10.87 -16.66 12.54
CA PRO A 260 -9.60 -17.37 12.53
C PRO A 260 -8.57 -16.52 11.84
N ASP A 261 -7.40 -16.38 12.43
CA ASP A 261 -6.41 -15.45 11.89
C ASP A 261 -6.08 -15.88 10.48
N GLY A 262 -6.57 -17.07 10.16
CA GLY A 262 -6.61 -17.63 8.83
C GLY A 262 -7.51 -16.86 7.90
N PHE A 263 -8.59 -16.35 8.44
CA PHE A 263 -9.51 -15.58 7.65
C PHE A 263 -8.83 -14.33 7.14
N TRP A 264 -8.14 -13.63 8.01
CA TRP A 264 -7.54 -12.39 7.63
C TRP A 264 -6.60 -12.48 6.48
N LEU A 265 -5.91 -13.60 6.39
CA LEU A 265 -5.10 -13.88 5.22
C LEU A 265 -6.11 -13.90 4.09
N GLY A 266 -7.29 -14.44 4.39
CA GLY A 266 -8.29 -14.70 3.40
C GLY A 266 -8.37 -16.06 2.78
N GLU A 267 -7.72 -17.03 3.39
CA GLU A 267 -7.87 -18.40 2.98
C GLU A 267 -9.26 -18.97 3.21
N GLN A 268 -9.82 -18.69 4.37
CA GLN A 268 -11.05 -19.31 4.80
C GLN A 268 -12.13 -18.31 5.14
N LEU A 269 -13.35 -18.62 4.70
CA LEU A 269 -14.53 -17.77 4.87
C LEU A 269 -15.20 -17.80 6.24
N VAL A 270 -15.99 -16.76 6.53
CA VAL A 270 -16.71 -16.66 7.79
C VAL A 270 -18.21 -16.56 7.56
N CYS A 271 -18.99 -17.34 8.33
CA CYS A 271 -20.44 -17.46 8.09
C CYS A 271 -21.34 -16.90 9.21
N TRP A 272 -22.44 -16.25 8.81
CA TRP A 272 -23.34 -15.60 9.73
C TRP A 272 -24.74 -16.03 9.37
N GLN A 273 -25.59 -16.16 10.37
CA GLN A 273 -26.96 -16.57 10.10
C GLN A 273 -27.50 -15.53 9.15
N ALA A 274 -28.21 -16.00 8.13
CA ALA A 274 -28.50 -15.15 7.01
C ALA A 274 -29.11 -13.92 7.53
N GLY A 275 -28.65 -12.78 7.04
CA GLY A 275 -29.23 -11.49 7.34
C GLY A 275 -28.84 -10.89 8.67
N THR A 276 -28.01 -11.59 9.42
CA THR A 276 -27.57 -11.10 10.72
C THR A 276 -26.18 -10.49 10.65
N THR A 277 -25.63 -10.42 9.45
CA THR A 277 -24.22 -10.09 9.33
C THR A 277 -24.08 -8.73 9.97
N PRO A 278 -23.11 -8.62 10.87
CA PRO A 278 -22.83 -7.33 11.51
C PRO A 278 -21.78 -6.60 10.70
N TRP A 279 -22.22 -5.78 9.76
CA TRP A 279 -21.33 -4.88 9.06
C TRP A 279 -20.71 -3.87 10.03
N ASN A 280 -21.53 -3.46 10.99
CA ASN A 280 -21.31 -2.21 11.68
C ASN A 280 -19.93 -2.25 12.27
N ILE A 281 -19.53 -3.44 12.71
CA ILE A 281 -18.21 -3.57 13.32
C ILE A 281 -17.18 -3.07 12.31
N PHE A 282 -17.43 -3.36 11.04
CA PHE A 282 -16.44 -3.14 10.01
C PHE A 282 -16.20 -1.72 9.59
N PRO A 283 -14.94 -1.42 9.39
CA PRO A 283 -14.47 -0.09 9.08
C PRO A 283 -14.76 0.28 7.66
N VAL A 284 -14.70 1.58 7.37
CA VAL A 284 -14.72 2.11 6.01
C VAL A 284 -13.40 2.82 5.75
N ILE A 285 -12.77 2.50 4.62
CA ILE A 285 -11.44 2.96 4.31
C ILE A 285 -11.48 4.00 3.24
N SER A 286 -10.78 5.10 3.47
CA SER A 286 -10.74 6.19 2.49
C SER A 286 -9.36 6.28 1.87
N LEU A 287 -9.31 6.25 0.54
CA LEU A 287 -8.08 6.32 -0.16
C LEU A 287 -8.11 7.66 -0.81
N TYR A 288 -7.03 8.40 -0.69
CA TYR A 288 -6.98 9.75 -1.18
C TYR A 288 -6.07 9.72 -2.33
N LEU A 289 -6.50 10.28 -3.45
CA LEU A 289 -5.76 10.17 -4.67
C LEU A 289 -5.40 11.52 -5.19
N MET A 290 -4.39 11.58 -6.05
CA MET A 290 -3.83 12.86 -6.46
C MET A 290 -4.87 13.71 -7.18
N GLY A 291 -4.89 14.99 -6.84
CA GLY A 291 -5.75 15.94 -7.49
C GLY A 291 -5.19 16.18 -8.85
N GLU A 292 -5.92 16.88 -9.70
CA GLU A 292 -5.37 17.31 -10.96
C GLU A 292 -5.01 18.79 -10.86
N VAL A 293 -4.79 19.22 -9.64
CA VAL A 293 -4.49 20.59 -9.34
C VAL A 293 -3.42 20.62 -8.26
N THR A 294 -2.73 21.74 -8.15
CA THR A 294 -1.62 21.79 -7.22
C THR A 294 -2.16 21.58 -5.81
N ASN A 295 -1.49 20.72 -5.05
CA ASN A 295 -1.80 20.54 -3.67
C ASN A 295 -3.26 20.20 -3.48
N GLN A 296 -3.80 19.41 -4.37
CA GLN A 296 -5.17 19.01 -4.25
C GLN A 296 -5.25 17.54 -4.37
N SER A 297 -6.30 16.99 -3.80
CA SER A 297 -6.53 15.57 -3.84
C SER A 297 -7.95 15.31 -3.49
N PHE A 298 -8.38 14.08 -3.60
CA PHE A 298 -9.73 13.71 -3.30
C PHE A 298 -9.71 12.31 -2.77
N ARG A 299 -10.80 11.86 -2.18
CA ARG A 299 -10.82 10.55 -1.60
C ARG A 299 -12.03 9.79 -2.03
N ILE A 300 -11.90 8.48 -2.00
CA ILE A 300 -13.01 7.61 -2.26
C ILE A 300 -13.09 6.69 -1.08
N THR A 301 -14.28 6.34 -0.68
CA THR A 301 -14.47 5.60 0.53
C THR A 301 -15.03 4.23 0.32
N ILE A 302 -14.49 3.24 1.01
CA ILE A 302 -14.94 1.87 0.81
C ILE A 302 -15.69 1.31 2.01
N LEU A 303 -16.89 0.82 1.76
CA LEU A 303 -17.66 0.13 2.76
C LEU A 303 -17.08 -1.22 2.78
N PRO A 304 -17.26 -1.93 3.86
CA PRO A 304 -16.71 -3.26 3.95
C PRO A 304 -17.34 -4.12 2.90
N GLN A 305 -18.56 -3.79 2.53
CA GLN A 305 -19.32 -4.69 1.69
C GLN A 305 -18.40 -4.79 0.51
N GLN A 306 -17.55 -3.79 0.37
CA GLN A 306 -16.66 -3.72 -0.80
C GLN A 306 -15.54 -4.78 -0.81
N TYR A 307 -14.81 -4.88 0.31
CA TYR A 307 -13.65 -5.75 0.44
C TYR A 307 -13.95 -7.06 1.16
N LEU A 308 -15.17 -7.21 1.66
CA LEU A 308 -15.60 -8.47 2.24
C LEU A 308 -16.49 -9.08 1.18
N ARG A 309 -16.16 -10.31 0.75
CA ARG A 309 -16.76 -10.78 -0.47
C ARG A 309 -17.57 -12.03 -0.27
N PRO A 310 -18.79 -12.05 -0.79
CA PRO A 310 -19.66 -13.20 -0.60
C PRO A 310 -19.22 -14.43 -1.35
N VAL A 311 -19.28 -15.58 -0.69
CA VAL A 311 -18.98 -16.85 -1.33
C VAL A 311 -20.06 -17.83 -0.93
N GLU A 312 -20.32 -18.83 -1.75
CA GLU A 312 -21.44 -19.75 -1.48
C GLU A 312 -21.33 -20.83 -0.41
N ASP A 313 -22.45 -21.50 -0.14
CA ASP A 313 -22.52 -22.33 1.05
C ASP A 313 -21.46 -23.43 1.09
N VAL A 314 -20.83 -23.53 2.26
CA VAL A 314 -19.91 -24.61 2.55
C VAL A 314 -20.74 -25.77 3.07
N ALA A 315 -21.91 -25.47 3.61
CA ALA A 315 -22.82 -26.54 4.04
C ALA A 315 -24.20 -26.34 3.43
N THR A 316 -24.97 -27.41 3.40
CA THR A 316 -26.30 -27.35 2.79
C THR A 316 -27.18 -26.77 3.86
N SER A 317 -26.84 -25.53 4.20
CA SER A 317 -27.66 -24.65 5.02
C SER A 317 -27.25 -23.27 4.58
N GLN A 318 -28.15 -22.30 4.75
CA GLN A 318 -27.82 -20.95 4.37
C GLN A 318 -27.42 -20.10 5.56
N ASP A 319 -26.14 -19.79 5.61
CA ASP A 319 -25.62 -18.66 6.38
C ASP A 319 -24.77 -17.79 5.45
N ASP A 320 -25.11 -16.51 5.37
CA ASP A 320 -24.39 -15.67 4.45
C ASP A 320 -22.95 -15.90 4.84
N CYS A 321 -22.14 -16.27 3.86
CA CYS A 321 -20.70 -16.51 4.05
C CYS A 321 -19.85 -15.54 3.21
N TYR A 322 -18.72 -15.09 3.75
CA TYR A 322 -17.94 -14.02 3.13
C TYR A 322 -16.45 -14.30 3.25
N LYS A 323 -15.67 -13.72 2.35
CA LYS A 323 -14.23 -13.92 2.39
C LYS A 323 -13.55 -12.58 2.41
N PHE A 324 -12.31 -12.54 2.87
CA PHE A 324 -11.60 -11.28 3.05
C PHE A 324 -10.89 -10.89 1.79
N ALA A 325 -11.26 -9.75 1.24
CA ALA A 325 -10.87 -9.39 -0.12
C ALA A 325 -9.60 -8.60 -0.23
N ILE A 326 -8.90 -8.46 0.89
CA ILE A 326 -7.68 -7.70 0.92
C ILE A 326 -6.47 -8.59 1.02
N SER A 327 -5.52 -8.43 0.10
CA SER A 327 -4.39 -9.34 -0.02
C SER A 327 -3.03 -8.64 0.05
N GLN A 328 -2.07 -9.29 0.69
CA GLN A 328 -0.76 -8.73 0.82
C GLN A 328 -0.21 -8.72 -0.58
N SER A 329 0.67 -7.79 -0.87
CA SER A 329 1.25 -7.72 -2.18
C SER A 329 2.66 -7.28 -2.00
N SER A 330 3.50 -7.69 -2.94
CA SER A 330 4.90 -7.26 -2.97
C SER A 330 5.15 -6.55 -4.29
N THR A 331 4.07 -6.21 -4.98
CA THR A 331 4.19 -5.50 -6.25
C THR A 331 3.48 -4.16 -6.16
N GLY A 332 3.29 -3.67 -4.92
CA GLY A 332 2.60 -2.42 -4.76
C GLY A 332 1.13 -2.64 -4.65
N THR A 333 0.38 -1.58 -4.42
CA THR A 333 -1.06 -1.65 -4.25
C THR A 333 -1.80 -1.96 -5.51
N VAL A 334 -2.89 -2.69 -5.41
CA VAL A 334 -3.73 -2.88 -6.57
C VAL A 334 -5.16 -2.60 -6.22
N MET A 335 -5.80 -1.71 -6.92
CA MET A 335 -7.17 -1.44 -6.64
C MET A 335 -7.93 -2.33 -7.54
N GLY A 336 -8.38 -3.44 -7.02
CA GLY A 336 -9.01 -4.48 -7.79
C GLY A 336 -10.48 -4.27 -7.90
N ALA A 337 -11.18 -5.31 -8.30
CA ALA A 337 -12.58 -5.20 -8.67
C ALA A 337 -13.42 -4.76 -7.54
N VAL A 338 -13.14 -5.24 -6.37
CA VAL A 338 -14.00 -4.96 -5.26
C VAL A 338 -14.03 -3.48 -5.06
N ILE A 339 -12.88 -2.86 -5.19
CA ILE A 339 -12.79 -1.42 -5.10
C ILE A 339 -13.55 -0.75 -6.22
N MET A 340 -13.41 -1.29 -7.42
CA MET A 340 -13.99 -0.67 -8.61
C MET A 340 -15.47 -0.97 -8.79
N GLU A 341 -16.04 -1.77 -7.88
CA GLU A 341 -17.42 -2.11 -7.98
C GLU A 341 -18.23 -0.95 -7.49
N GLY A 342 -17.70 -0.22 -6.56
CA GLY A 342 -18.41 0.89 -5.96
C GLY A 342 -18.69 1.99 -6.96
N PHE A 343 -17.75 2.23 -7.86
CA PHE A 343 -17.75 3.48 -8.62
C PHE A 343 -17.62 3.36 -10.13
N TYR A 344 -18.13 4.38 -10.81
CA TYR A 344 -18.09 4.46 -12.26
C TYR A 344 -16.71 5.05 -12.47
N VAL A 345 -15.84 4.26 -13.06
CA VAL A 345 -14.46 4.60 -13.20
C VAL A 345 -14.17 4.88 -14.64
N VAL A 346 -13.53 6.01 -14.90
CA VAL A 346 -13.27 6.44 -16.26
C VAL A 346 -11.80 6.46 -16.51
N PHE A 347 -11.36 5.79 -17.55
CA PHE A 347 -9.97 5.82 -17.92
C PHE A 347 -9.83 6.76 -19.08
N ASP A 348 -9.49 8.00 -18.78
CA ASP A 348 -9.34 9.01 -19.79
C ASP A 348 -7.93 8.96 -20.28
N ARG A 349 -7.68 8.06 -21.20
CA ARG A 349 -6.38 7.88 -21.77
C ARG A 349 -5.96 9.12 -22.48
N ALA A 350 -6.91 9.77 -23.13
CA ALA A 350 -6.60 10.92 -23.93
C ALA A 350 -6.06 11.98 -23.05
N ARG A 351 -6.74 12.21 -21.95
CA ARG A 351 -6.34 13.27 -21.06
C ARG A 351 -5.48 12.67 -19.99
N LYS A 352 -5.17 11.38 -20.15
CA LYS A 352 -4.19 10.72 -19.29
C LYS A 352 -4.51 10.82 -17.80
N ARG A 353 -5.78 10.66 -17.44
CA ARG A 353 -6.20 10.78 -16.07
C ARG A 353 -7.24 9.72 -15.92
N ILE A 354 -7.56 9.35 -14.70
CA ILE A 354 -8.61 8.40 -14.45
C ILE A 354 -9.58 9.00 -13.47
N GLY A 355 -10.86 8.94 -13.75
CA GLY A 355 -11.83 9.62 -12.94
C GLY A 355 -12.81 8.72 -12.28
N PHE A 356 -13.12 8.99 -11.01
CA PHE A 356 -13.99 8.15 -10.22
C PHE A 356 -15.25 8.86 -9.84
N ALA A 357 -16.36 8.17 -9.94
CA ALA A 357 -17.62 8.69 -9.50
C ALA A 357 -18.42 7.56 -8.90
N VAL A 358 -19.40 7.91 -8.09
CA VAL A 358 -20.19 6.90 -7.44
C VAL A 358 -21.00 6.12 -8.45
N SER A 359 -20.95 4.81 -8.37
CA SER A 359 -21.65 3.97 -9.31
C SER A 359 -23.09 4.08 -9.06
N ALA A 360 -23.88 4.05 -10.09
CA ALA A 360 -25.29 4.04 -9.89
C ALA A 360 -25.62 2.77 -9.16
N CYS A 361 -25.01 1.67 -9.58
CA CYS A 361 -25.29 0.38 -8.94
C CYS A 361 -24.40 0.20 -7.72
N HIS A 362 -24.68 0.93 -6.65
CA HIS A 362 -23.80 0.85 -5.48
C HIS A 362 -24.50 0.16 -4.32
N VAL A 363 -23.84 -0.83 -3.70
CA VAL A 363 -24.47 -1.65 -2.64
C VAL A 363 -24.87 -0.87 -1.39
N HIS A 364 -25.99 -1.26 -0.76
CA HIS A 364 -26.57 -0.49 0.36
C HIS A 364 -26.32 -0.93 1.84
N ASP A 365 -25.80 0.05 2.59
CA ASP A 365 -25.80 0.10 4.03
C ASP A 365 -26.57 1.38 4.43
N GLU A 366 -27.69 1.18 5.13
CA GLU A 366 -28.65 2.22 5.41
C GLU A 366 -27.88 3.39 5.97
N PHE A 367 -26.87 3.10 6.77
CA PHE A 367 -26.22 4.10 7.59
C PHE A 367 -24.98 4.74 6.99
N ARG A 368 -24.42 4.13 5.95
CA ARG A 368 -23.20 4.67 5.40
C ARG A 368 -23.25 4.63 3.90
N THR A 369 -22.60 5.59 3.27
CA THR A 369 -22.58 5.62 1.83
C THR A 369 -21.16 5.61 1.32
N ALA A 370 -20.92 4.81 0.30
CA ALA A 370 -19.69 4.90 -0.41
C ALA A 370 -19.82 6.20 -1.12
N ALA A 371 -18.76 6.98 -1.19
CA ALA A 371 -18.82 8.21 -1.93
C ALA A 371 -17.45 8.62 -2.37
N VAL A 372 -17.39 9.62 -3.22
CA VAL A 372 -16.16 10.19 -3.70
C VAL A 372 -16.26 11.63 -3.38
N GLU A 373 -15.26 12.20 -2.72
CA GLU A 373 -15.41 13.55 -2.25
C GLU A 373 -14.22 14.44 -2.41
N GLY A 374 -14.47 15.69 -2.70
CA GLY A 374 -13.40 16.61 -2.98
C GLY A 374 -13.87 18.01 -2.73
N PRO A 375 -12.95 18.94 -2.58
CA PRO A 375 -11.54 18.71 -2.78
C PRO A 375 -10.85 18.67 -1.46
N PHE A 376 -9.60 18.21 -1.41
CA PHE A 376 -8.86 18.13 -0.18
C PHE A 376 -7.49 18.75 -0.34
N VAL A 377 -6.84 19.07 0.75
CA VAL A 377 -5.51 19.62 0.68
C VAL A 377 -4.55 18.59 1.16
N THR A 378 -3.57 18.28 0.33
CA THR A 378 -2.48 17.43 0.71
C THR A 378 -1.22 18.07 0.28
N LEU A 379 -0.13 17.95 1.04
CA LEU A 379 1.10 18.68 0.74
C LEU A 379 2.29 17.82 0.31
N ASP A 380 3.06 18.30 -0.67
CA ASP A 380 4.17 17.55 -1.22
C ASP A 380 3.68 16.19 -1.70
N MET A 381 2.59 16.19 -2.46
CA MET A 381 1.98 14.97 -2.93
C MET A 381 2.97 14.11 -3.68
N GLU A 382 3.80 14.75 -4.50
CA GLU A 382 4.64 14.01 -5.42
C GLU A 382 5.52 13.10 -4.59
N ASP A 383 5.94 13.61 -3.44
CA ASP A 383 6.93 12.96 -2.63
C ASP A 383 6.37 11.59 -2.37
N CYS A 384 5.07 11.48 -2.52
CA CYS A 384 4.35 10.25 -2.31
C CYS A 384 4.63 9.17 -3.34
N GLY A 385 4.92 9.56 -4.56
CA GLY A 385 5.18 8.62 -5.61
C GLY A 385 6.50 7.98 -5.32
N TYR A 386 6.74 6.82 -5.88
CA TYR A 386 7.91 6.07 -5.52
C TYR A 386 8.97 6.06 -6.59
N ASN A 387 10.20 6.21 -6.15
CA ASN A 387 11.33 6.10 -7.02
C ASN A 387 12.41 5.30 -6.31
N ILE A 388 12.99 4.35 -7.03
CA ILE A 388 14.05 3.51 -6.48
C ILE A 388 15.08 4.34 -5.73
N PHE B 1 6.18 29.81 34.97
CA PHE B 1 4.92 29.32 34.42
C PHE B 1 4.52 27.99 35.07
N VAL B 2 5.50 27.14 35.32
CA VAL B 2 5.27 25.85 35.94
C VAL B 2 4.39 26.13 37.14
N GLU B 3 4.56 27.29 37.74
CA GLU B 3 4.07 27.51 39.08
C GLU B 3 2.59 27.19 39.01
N MET B 4 2.00 27.46 37.85
CA MET B 4 0.57 27.30 37.65
C MET B 4 0.09 25.91 37.21
N VAL B 5 1.02 25.03 36.86
CA VAL B 5 0.67 23.71 36.37
C VAL B 5 -0.04 22.90 37.44
N ASP B 6 -1.06 22.14 37.02
CA ASP B 6 -1.80 21.28 37.93
C ASP B 6 -2.43 22.11 39.04
N ASN B 7 -2.84 23.33 38.72
CA ASN B 7 -3.55 24.17 39.68
C ASN B 7 -4.90 23.58 40.06
N LEU B 8 -5.55 22.98 39.07
CA LEU B 8 -6.98 22.79 39.03
C LEU B 8 -7.37 21.43 39.51
N ARG B 9 -8.59 21.31 40.02
CA ARG B 9 -9.14 20.01 40.42
C ARG B 9 -10.63 19.96 40.08
N GLY B 10 -11.17 18.77 39.82
CA GLY B 10 -12.58 18.68 39.56
C GLY B 10 -12.79 17.63 38.51
N LYS B 11 -14.03 17.60 38.01
CA LYS B 11 -14.44 16.74 36.91
C LYS B 11 -15.53 17.49 36.13
N SER B 12 -15.70 17.13 34.86
CA SER B 12 -16.70 17.75 34.03
C SER B 12 -18.07 17.68 34.59
N GLY B 13 -18.29 16.67 35.42
CA GLY B 13 -19.56 16.50 36.06
C GLY B 13 -19.95 17.62 36.98
N GLN B 14 -18.99 18.07 37.78
CA GLN B 14 -19.21 19.13 38.75
C GLN B 14 -18.39 20.38 38.43
N GLY B 15 -17.57 20.29 37.38
CA GLY B 15 -16.71 21.41 37.00
C GLY B 15 -15.33 21.39 37.59
N TYR B 16 -14.49 22.30 37.12
CA TYR B 16 -13.11 22.35 37.52
C TYR B 16 -12.93 23.64 38.23
N TYR B 17 -12.17 23.68 39.30
CA TYR B 17 -12.09 24.88 40.10
C TYR B 17 -10.72 25.29 40.49
N VAL B 18 -10.57 26.56 40.81
CA VAL B 18 -9.25 27.10 41.08
C VAL B 18 -9.26 27.87 42.38
N GLU B 19 -8.13 27.88 43.07
CA GLU B 19 -8.04 28.55 44.34
C GLU B 19 -7.80 30.02 44.16
N MET B 20 -8.62 30.83 44.82
CA MET B 20 -8.49 32.25 44.75
C MET B 20 -8.63 32.80 46.13
N THR B 21 -8.15 34.01 46.36
CA THR B 21 -8.31 34.66 47.63
C THR B 21 -8.91 36.00 47.34
N VAL B 22 -9.88 36.41 48.13
CA VAL B 22 -10.50 37.72 47.92
C VAL B 22 -10.52 38.54 49.21
N GLY B 23 -10.08 39.78 49.13
CA GLY B 23 -10.24 40.68 50.24
C GLY B 23 -9.14 40.74 51.25
N SER B 24 -9.28 41.62 52.24
CA SER B 24 -8.22 41.79 53.24
C SER B 24 -8.69 41.65 54.70
N PRO B 25 -8.09 40.74 55.45
CA PRO B 25 -7.07 39.80 54.96
C PRO B 25 -7.70 38.76 54.04
N PRO B 26 -6.91 38.20 53.14
CA PRO B 26 -7.47 37.39 52.07
C PRO B 26 -8.24 36.19 52.57
N GLN B 27 -9.36 35.92 51.93
CA GLN B 27 -10.14 34.73 52.23
C GLN B 27 -9.97 33.78 51.07
N THR B 28 -9.89 32.49 51.36
CA THR B 28 -9.52 31.51 50.36
C THR B 28 -10.73 30.77 49.87
N LEU B 29 -10.87 30.68 48.56
CA LEU B 29 -12.04 30.02 47.99
C LEU B 29 -11.73 29.27 46.74
N ASN B 30 -12.59 28.30 46.40
CA ASN B 30 -12.41 27.56 45.16
C ASN B 30 -13.41 28.06 44.13
N ILE B 31 -12.90 28.49 42.98
CA ILE B 31 -13.74 29.06 41.96
C ILE B 31 -13.78 28.17 40.78
N LEU B 32 -15.00 27.87 40.32
CA LEU B 32 -15.20 27.11 39.11
C LEU B 32 -14.75 27.99 37.96
N VAL B 33 -14.09 27.40 36.98
CA VAL B 33 -13.61 28.16 35.86
C VAL B 33 -14.54 27.95 34.70
N ASP B 34 -15.33 28.97 34.42
CA ASP B 34 -16.29 28.89 33.35
C ASP B 34 -16.00 30.01 32.36
N THR B 35 -15.87 29.65 31.11
CA THR B 35 -15.67 30.65 30.07
C THR B 35 -17.01 31.03 29.43
N GLY B 36 -18.07 30.41 29.92
CA GLY B 36 -19.39 30.58 29.38
C GLY B 36 -20.09 31.72 30.05
N SER B 37 -19.43 32.33 31.04
CA SER B 37 -19.99 33.47 31.74
C SER B 37 -18.92 34.52 31.92
N SER B 38 -19.31 35.79 31.88
CA SER B 38 -18.37 36.83 32.12
C SER B 38 -18.48 37.39 33.50
N ASN B 39 -19.18 36.65 34.36
CA ASN B 39 -19.49 37.11 35.71
C ASN B 39 -18.78 36.32 36.79
N PHE B 40 -18.15 37.04 37.70
CA PHE B 40 -17.40 36.44 38.78
C PHE B 40 -18.21 36.56 40.02
N ALA B 41 -18.40 35.47 40.74
CA ALA B 41 -19.29 35.48 41.87
C ALA B 41 -18.84 34.49 42.86
N VAL B 42 -19.11 34.75 44.14
CA VAL B 42 -18.75 33.82 45.19
C VAL B 42 -19.92 33.76 46.15
N GLY B 43 -20.14 32.61 46.78
CA GLY B 43 -21.24 32.56 47.69
C GLY B 43 -20.91 33.50 48.80
N ALA B 44 -21.82 34.39 49.13
CA ALA B 44 -21.52 35.32 50.19
C ALA B 44 -22.37 35.07 51.39
N ALA B 45 -23.25 34.10 51.32
CA ALA B 45 -24.01 33.76 52.49
C ALA B 45 -24.15 32.27 52.63
N PRO B 46 -24.25 31.83 53.88
CA PRO B 46 -24.18 30.40 54.23
C PRO B 46 -25.28 29.58 53.58
N HIS B 47 -24.90 28.39 53.15
CA HIS B 47 -25.73 27.52 52.36
C HIS B 47 -25.38 26.11 52.75
N PRO B 48 -26.31 25.21 52.57
CA PRO B 48 -26.16 23.84 53.03
C PRO B 48 -24.98 23.22 52.34
N PHE B 49 -24.80 23.55 51.09
CA PHE B 49 -23.79 22.93 50.26
C PHE B 49 -22.47 23.65 50.32
N LEU B 50 -22.38 24.68 51.15
CA LEU B 50 -21.17 25.47 51.17
C LEU B 50 -20.37 25.26 52.43
N HIS B 51 -19.15 24.79 52.29
CA HIS B 51 -18.21 24.70 53.38
C HIS B 51 -17.81 26.05 53.91
N ARG B 52 -17.61 27.01 52.99
CA ARG B 52 -17.23 28.37 53.37
C ARG B 52 -17.92 29.42 52.52
N TYR B 53 -18.18 30.59 53.09
CA TYR B 53 -18.78 31.70 52.36
C TYR B 53 -17.97 32.99 52.54
N TYR B 54 -17.77 33.73 51.45
CA TYR B 54 -17.08 35.00 51.52
C TYR B 54 -17.75 35.85 52.59
N GLN B 55 -16.93 36.48 53.42
CA GLN B 55 -17.43 37.38 54.44
C GLN B 55 -16.94 38.74 54.00
N ARG B 56 -17.88 39.57 53.59
CA ARG B 56 -17.57 40.94 53.26
C ARG B 56 -17.09 41.58 54.54
N GLN B 57 -17.70 41.19 55.65
CA GLN B 57 -17.57 41.93 56.88
C GLN B 57 -16.12 42.04 57.21
N LEU B 58 -15.35 41.07 56.73
CA LEU B 58 -13.96 41.01 57.10
C LEU B 58 -12.93 41.46 56.10
N SER B 59 -13.32 42.29 55.15
CA SER B 59 -12.33 42.82 54.24
C SER B 59 -12.15 44.29 54.40
N SER B 60 -10.90 44.75 54.47
CA SER B 60 -10.60 46.19 54.59
C SER B 60 -11.02 47.10 53.41
N THR B 61 -10.78 46.68 52.16
CA THR B 61 -11.23 47.46 50.98
C THR B 61 -12.49 47.04 50.19
N TYR B 62 -13.18 46.09 50.80
CA TYR B 62 -14.32 45.51 50.18
C TYR B 62 -15.10 46.76 50.09
N ARG B 63 -15.51 47.04 48.88
CA ARG B 63 -16.27 48.22 48.58
C ARG B 63 -17.61 47.79 48.02
N ASP B 64 -18.69 48.27 48.63
CA ASP B 64 -20.02 47.96 48.14
C ASP B 64 -20.36 48.84 46.94
N LEU B 65 -20.86 48.21 45.88
CA LEU B 65 -21.32 48.94 44.71
C LEU B 65 -22.78 49.33 44.87
N ARG B 66 -23.44 48.86 45.92
CA ARG B 66 -24.82 49.30 46.24
C ARG B 66 -25.95 49.12 45.19
N LYS B 67 -25.90 47.99 44.48
CA LYS B 67 -26.96 47.56 43.55
C LYS B 67 -26.93 46.04 43.46
N GLY B 68 -27.91 45.43 42.79
CA GLY B 68 -27.96 43.99 42.70
C GLY B 68 -27.92 43.36 41.32
N VAL B 69 -27.48 42.13 41.25
CA VAL B 69 -27.33 41.47 39.97
C VAL B 69 -27.96 40.12 40.07
N TYR B 70 -28.42 39.58 38.94
CA TYR B 70 -29.03 38.26 38.94
C TYR B 70 -28.61 37.50 37.69
N VAL B 71 -28.03 36.31 37.83
CA VAL B 71 -27.55 35.61 36.64
C VAL B 71 -28.31 34.32 36.35
N PRO B 72 -28.74 34.11 35.12
CA PRO B 72 -29.46 32.88 34.76
C PRO B 72 -28.60 31.95 33.91
N TYR B 73 -28.48 30.68 34.30
CA TYR B 73 -27.60 29.80 33.58
C TYR B 73 -28.57 28.77 33.15
N THR B 74 -28.20 27.94 32.17
CA THR B 74 -29.10 26.89 31.71
C THR B 74 -29.36 25.90 32.84
N GLN B 75 -28.27 25.54 33.53
CA GLN B 75 -28.28 24.76 34.78
C GLN B 75 -28.82 25.40 36.07
N GLY B 76 -28.47 26.67 36.34
CA GLY B 76 -28.70 27.25 37.65
C GLY B 76 -28.88 28.73 37.65
N LYS B 77 -29.24 29.30 38.80
CA LYS B 77 -29.39 30.75 38.91
C LYS B 77 -28.93 31.30 40.27
N TRP B 78 -28.55 32.57 40.30
CA TRP B 78 -28.23 33.23 41.54
C TRP B 78 -28.44 34.72 41.52
N GLU B 79 -28.74 35.27 42.69
CA GLU B 79 -28.97 36.70 42.88
C GLU B 79 -27.98 37.22 43.93
N GLY B 80 -27.35 38.36 43.66
CA GLY B 80 -26.24 38.81 44.48
C GLY B 80 -26.15 40.30 44.60
N GLU B 81 -25.22 40.76 45.41
CA GLU B 81 -24.98 42.18 45.56
C GLU B 81 -23.60 42.47 45.03
N LEU B 82 -23.47 43.49 44.22
CA LEU B 82 -22.22 43.81 43.62
C LEU B 82 -21.28 44.37 44.65
N GLY B 83 -19.99 44.25 44.40
CA GLY B 83 -18.96 44.69 45.32
C GLY B 83 -17.66 44.80 44.58
N THR B 84 -16.63 45.28 45.25
CA THR B 84 -15.27 45.17 44.76
C THR B 84 -14.35 44.90 45.94
N ASP B 85 -13.33 44.06 45.76
CA ASP B 85 -12.31 43.92 46.78
C ASP B 85 -11.17 43.29 46.04
N LEU B 86 -10.00 43.20 46.68
CA LEU B 86 -8.82 42.63 46.04
C LEU B 86 -8.96 41.12 45.80
N VAL B 87 -8.42 40.66 44.67
CA VAL B 87 -8.41 39.24 44.39
C VAL B 87 -7.01 38.83 44.02
N SER B 88 -6.63 37.62 44.35
CA SER B 88 -5.36 37.09 43.92
C SER B 88 -5.52 35.60 43.74
N ILE B 89 -4.61 34.99 43.01
CA ILE B 89 -4.59 33.55 42.88
C ILE B 89 -3.25 33.03 43.29
N PRO B 90 -3.20 32.24 44.34
CA PRO B 90 -1.92 31.80 44.87
C PRO B 90 -1.17 31.00 43.84
N HIS B 91 -1.89 30.22 43.08
CA HIS B 91 -1.28 29.32 42.15
C HIS B 91 -1.37 29.86 40.76
N GLY B 92 -1.46 31.16 40.68
CA GLY B 92 -1.52 31.87 39.43
C GLY B 92 -0.41 32.88 39.47
N PRO B 93 -0.52 33.94 38.71
CA PRO B 93 0.57 34.91 38.69
C PRO B 93 0.68 35.64 40.01
N ASN B 94 1.84 36.21 40.28
CA ASN B 94 2.07 36.84 41.57
C ASN B 94 1.55 38.27 41.53
N VAL B 95 0.22 38.41 41.50
CA VAL B 95 -0.34 39.73 41.52
C VAL B 95 -1.67 39.75 42.22
N THR B 96 -2.08 40.95 42.60
CA THR B 96 -3.34 41.17 43.23
C THR B 96 -4.04 42.28 42.50
N VAL B 97 -5.33 42.12 42.27
CA VAL B 97 -6.05 43.11 41.51
C VAL B 97 -7.41 43.35 42.10
N ARG B 98 -7.97 44.52 41.84
CA ARG B 98 -9.25 44.84 42.38
C ARG B 98 -10.23 44.63 41.28
N ALA B 99 -11.19 43.75 41.48
CA ALA B 99 -12.16 43.49 40.45
C ALA B 99 -13.49 43.19 41.04
N ASN B 100 -14.54 43.39 40.24
CA ASN B 100 -15.89 43.26 40.76
C ASN B 100 -16.17 41.84 41.23
N ILE B 101 -16.82 41.75 42.39
CA ILE B 101 -17.26 40.48 42.90
C ILE B 101 -18.70 40.63 43.25
N ALA B 102 -19.51 39.68 42.82
CA ALA B 102 -20.89 39.74 43.14
C ALA B 102 -21.07 38.75 44.23
N ALA B 103 -21.53 39.19 45.38
CA ALA B 103 -21.72 38.26 46.45
C ALA B 103 -23.08 37.67 46.31
N ILE B 104 -23.15 36.35 46.34
CA ILE B 104 -24.38 35.68 46.06
C ILE B 104 -25.13 35.44 47.32
N THR B 105 -26.30 36.04 47.43
CA THR B 105 -27.11 35.94 48.61
C THR B 105 -28.17 34.88 48.53
N GLU B 106 -28.76 34.73 47.36
CA GLU B 106 -29.72 33.68 47.16
C GLU B 106 -29.28 32.96 45.95
N SER B 107 -29.49 31.66 45.91
CA SER B 107 -29.14 30.87 44.76
C SER B 107 -30.21 29.86 44.51
N ASP B 108 -30.45 29.51 43.26
CA ASP B 108 -31.23 28.30 43.00
C ASP B 108 -30.52 27.35 42.08
N LYS B 109 -30.35 26.12 42.53
CA LYS B 109 -29.87 25.07 41.69
C LYS B 109 -28.51 25.40 41.13
N PHE B 110 -27.77 26.24 41.83
CA PHE B 110 -26.46 26.63 41.35
C PHE B 110 -25.38 25.76 41.91
N PHE B 111 -25.33 25.70 43.23
CA PHE B 111 -24.31 24.96 43.89
C PHE B 111 -24.54 23.47 43.80
N ILE B 112 -23.48 22.74 43.51
CA ILE B 112 -23.53 21.31 43.40
C ILE B 112 -23.07 20.66 44.65
N ASN B 113 -23.77 19.62 45.10
CA ASN B 113 -23.36 18.98 46.33
C ASN B 113 -21.95 18.43 46.14
N GLY B 114 -21.09 18.70 47.11
CA GLY B 114 -19.74 18.16 47.11
C GLY B 114 -18.76 18.59 46.05
N SER B 115 -19.12 19.65 45.33
CA SER B 115 -18.28 20.18 44.27
C SER B 115 -16.96 20.68 44.85
N ASN B 116 -17.04 21.34 46.00
CA ASN B 116 -15.86 21.88 46.65
C ASN B 116 -15.34 23.05 45.81
N TRP B 117 -16.23 23.78 45.16
CA TRP B 117 -15.95 25.09 44.65
C TRP B 117 -17.09 25.95 45.07
N GLU B 118 -16.78 27.15 45.51
CA GLU B 118 -17.76 27.96 46.17
C GLU B 118 -18.10 29.25 45.46
N GLY B 119 -17.68 29.36 44.21
CA GLY B 119 -17.88 30.56 43.43
C GLY B 119 -17.73 30.22 41.97
N ILE B 120 -17.94 31.18 41.09
CA ILE B 120 -17.72 30.92 39.70
C ILE B 120 -16.96 32.03 39.06
N LEU B 121 -16.03 31.73 38.17
CA LEU B 121 -15.29 32.79 37.52
C LEU B 121 -15.53 32.76 36.05
N GLY B 122 -16.05 33.83 35.49
CA GLY B 122 -16.40 33.81 34.10
C GLY B 122 -15.37 34.46 33.22
N LEU B 123 -14.92 33.71 32.21
CA LEU B 123 -13.96 34.22 31.24
C LEU B 123 -14.65 34.84 30.03
N ALA B 124 -15.98 34.82 30.03
CA ALA B 124 -16.77 35.31 28.90
C ALA B 124 -16.52 36.80 28.71
N TYR B 125 -16.36 37.21 27.44
CA TYR B 125 -16.15 38.61 27.11
C TYR B 125 -17.21 39.45 27.80
N ALA B 126 -16.89 40.70 28.09
CA ALA B 126 -17.81 41.54 28.82
C ALA B 126 -19.20 41.66 28.26
N GLU B 127 -19.37 41.24 27.01
CA GLU B 127 -20.61 41.50 26.30
C GLU B 127 -21.76 40.88 27.08
N ILE B 128 -21.52 39.71 27.65
CA ILE B 128 -22.57 38.97 28.31
C ILE B 128 -22.51 39.04 29.81
N ALA B 129 -21.82 40.03 30.33
CA ALA B 129 -21.75 40.21 31.75
C ALA B 129 -23.06 40.75 32.22
N ARG B 130 -23.44 40.42 33.44
CA ARG B 130 -24.67 40.92 33.97
C ARG B 130 -24.35 41.88 35.10
N PRO B 131 -25.15 42.91 35.31
CA PRO B 131 -26.27 43.28 34.43
C PRO B 131 -25.89 43.74 33.04
N ASP B 132 -24.85 44.56 32.91
CA ASP B 132 -24.58 45.18 31.66
C ASP B 132 -23.13 45.05 31.35
N ASP B 133 -22.76 45.27 30.10
CA ASP B 133 -21.39 45.09 29.70
C ASP B 133 -20.29 45.98 30.22
N SER B 134 -20.69 47.03 30.92
CA SER B 134 -19.73 47.88 31.62
C SER B 134 -19.03 47.09 32.70
N LEU B 135 -19.81 46.27 33.41
CA LEU B 135 -19.29 45.46 34.51
C LEU B 135 -18.05 44.74 34.01
N GLU B 136 -16.93 44.96 34.67
CA GLU B 136 -15.69 44.49 34.11
C GLU B 136 -15.42 43.12 34.57
N PRO B 137 -15.41 42.18 33.62
CA PRO B 137 -15.07 40.78 33.88
C PRO B 137 -13.63 40.66 34.36
N PHE B 138 -13.39 39.71 35.27
CA PHE B 138 -12.19 39.69 36.03
C PHE B 138 -10.96 39.71 35.16
N PHE B 139 -10.92 38.89 34.15
CA PHE B 139 -9.69 38.72 33.42
C PHE B 139 -9.26 40.01 32.82
N ASP B 140 -10.24 40.77 32.36
CA ASP B 140 -10.00 42.06 31.75
C ASP B 140 -9.33 42.92 32.79
N SER B 141 -9.78 42.78 34.04
CA SER B 141 -9.23 43.61 35.07
C SER B 141 -7.81 43.19 35.17
N LEU B 142 -7.59 41.90 35.27
CA LEU B 142 -6.28 41.45 35.54
C LEU B 142 -5.38 41.92 34.46
N VAL B 143 -5.82 41.79 33.23
CA VAL B 143 -4.99 42.21 32.16
C VAL B 143 -4.79 43.69 32.31
N LYS B 144 -5.87 44.39 32.62
CA LYS B 144 -5.84 45.83 32.65
C LYS B 144 -4.92 46.38 33.70
N GLN B 145 -4.90 45.74 34.86
CA GLN B 145 -4.21 46.28 35.99
C GLN B 145 -2.84 45.73 36.13
N THR B 146 -2.36 45.05 35.10
CA THR B 146 -1.08 44.39 35.18
C THR B 146 -0.49 44.07 33.84
N HIS B 147 0.62 43.38 33.90
CA HIS B 147 1.37 43.05 32.72
C HIS B 147 1.12 41.65 32.25
N VAL B 148 0.14 41.00 32.84
CA VAL B 148 -0.17 39.67 32.40
C VAL B 148 -0.69 39.73 31.00
N PRO B 149 -0.22 38.83 30.17
CA PRO B 149 -0.57 38.82 28.75
C PRO B 149 -2.01 38.47 28.57
N ASN B 150 -2.64 38.90 27.50
CA ASN B 150 -4.05 38.68 27.31
C ASN B 150 -4.35 37.37 26.63
N LEU B 151 -3.96 36.27 27.28
CA LEU B 151 -4.37 34.92 26.90
C LEU B 151 -4.30 33.96 28.11
N PHE B 152 -5.02 32.85 28.05
CA PHE B 152 -4.90 31.84 29.07
C PHE B 152 -5.07 30.50 28.40
N SER B 153 -4.47 29.47 29.00
CA SER B 153 -4.48 28.13 28.42
C SER B 153 -5.02 27.11 29.41
N LEU B 154 -5.87 26.20 28.93
CA LEU B 154 -6.47 25.24 29.80
C LEU B 154 -6.14 23.83 29.48
N GLN B 155 -5.54 23.13 30.43
CA GLN B 155 -5.43 21.70 30.32
C GLN B 155 -6.44 21.13 31.31
N LEU B 156 -7.44 20.44 30.78
CA LEU B 156 -8.41 19.80 31.62
C LEU B 156 -8.11 18.36 31.47
N CYS B 157 -7.89 17.68 32.59
CA CYS B 157 -7.53 16.27 32.58
C CYS B 157 -8.67 15.42 33.09
N GLY B 158 -9.10 14.48 32.28
CA GLY B 158 -10.21 13.60 32.63
C GLY B 158 -9.93 12.53 33.65
N ALA B 159 -10.91 12.26 34.49
CA ALA B 159 -10.66 11.39 35.61
C ALA B 159 -10.30 10.01 35.15
N GLY B 160 -11.15 9.47 34.30
CA GLY B 160 -11.02 8.10 33.82
C GLY B 160 -11.74 7.13 34.73
N PHE B 161 -12.21 7.60 35.87
CA PHE B 161 -12.98 6.77 36.80
C PHE B 161 -13.95 7.62 37.64
N PRO B 162 -14.96 7.02 38.25
CA PRO B 162 -15.88 7.81 39.06
C PRO B 162 -15.12 8.42 40.22
N LEU B 163 -15.48 9.64 40.60
CA LEU B 163 -14.79 10.28 41.70
C LEU B 163 -15.73 10.58 42.85
N ASN B 164 -15.35 10.09 44.03
CA ASN B 164 -16.00 10.50 45.28
C ASN B 164 -15.58 11.88 45.80
N GLN B 165 -16.31 12.46 46.74
CA GLN B 165 -16.04 13.85 47.13
C GLN B 165 -14.62 14.17 47.60
N SER B 166 -14.06 13.31 48.45
CA SER B 166 -12.68 13.45 48.90
C SER B 166 -11.69 13.29 47.75
N GLU B 167 -12.01 12.38 46.83
CA GLU B 167 -11.06 11.94 45.80
C GLU B 167 -10.55 13.03 44.84
N VAL B 168 -11.44 13.90 44.37
CA VAL B 168 -11.03 14.98 43.50
C VAL B 168 -10.18 15.87 44.38
N LEU B 169 -10.58 15.94 45.64
CA LEU B 169 -9.95 16.90 46.57
C LEU B 169 -8.46 16.53 46.62
N ALA B 170 -8.17 15.23 46.76
CA ALA B 170 -6.81 14.66 46.55
C ALA B 170 -6.14 14.54 45.13
N SER B 171 -6.88 14.06 44.12
CA SER B 171 -6.43 13.99 42.71
C SER B 171 -6.57 15.32 41.95
N VAL B 172 -5.89 15.42 40.80
CA VAL B 172 -5.75 16.72 40.16
C VAL B 172 -6.35 16.85 38.76
N GLY B 173 -7.10 17.93 38.57
CA GLY B 173 -7.48 18.41 37.26
C GLY B 173 -6.21 18.98 36.69
N GLY B 174 -6.14 19.17 35.37
CA GLY B 174 -4.91 19.58 34.74
C GLY B 174 -4.44 20.96 35.19
N SER B 175 -4.34 21.88 34.21
CA SER B 175 -3.85 23.22 34.54
C SER B 175 -4.57 24.36 33.82
N MET B 176 -4.63 25.52 34.51
CA MET B 176 -5.01 26.73 33.85
C MET B 176 -3.85 27.65 33.94
N ILE B 177 -3.34 28.07 32.80
CA ILE B 177 -2.14 28.84 32.76
C ILE B 177 -2.62 30.20 32.40
N ILE B 178 -2.14 31.20 33.10
CA ILE B 178 -2.64 32.53 32.91
C ILE B 178 -1.59 33.40 32.30
N GLY B 179 -1.90 33.96 31.15
CA GLY B 179 -0.96 34.77 30.43
C GLY B 179 -0.05 33.97 29.55
N GLY B 180 -0.34 32.71 29.34
CA GLY B 180 0.59 31.89 28.62
C GLY B 180 0.20 30.55 28.05
N ILE B 181 1.15 29.97 27.35
CA ILE B 181 1.11 28.60 26.92
C ILE B 181 2.26 27.94 27.64
N ASP B 182 2.03 26.79 28.25
CA ASP B 182 3.12 26.02 28.84
C ASP B 182 3.30 24.75 28.06
N HIS B 183 4.47 24.58 27.47
CA HIS B 183 4.69 23.58 26.47
C HIS B 183 4.64 22.14 26.92
N SER B 184 4.81 21.90 28.20
CA SER B 184 4.85 20.54 28.67
C SER B 184 3.51 19.92 28.42
N LEU B 185 2.49 20.77 28.37
CA LEU B 185 1.10 20.33 28.37
C LEU B 185 0.69 19.50 27.16
N TYR B 186 1.16 19.87 25.97
CA TYR B 186 0.62 19.27 24.77
C TYR B 186 1.70 18.72 23.88
N THR B 187 1.31 17.90 22.94
CA THR B 187 2.26 17.37 22.02
C THR B 187 1.87 17.74 20.61
N GLY B 188 2.81 18.27 19.85
CA GLY B 188 2.54 18.60 18.48
C GLY B 188 2.24 20.05 18.29
N SER B 189 1.83 20.41 17.09
CA SER B 189 1.47 21.77 16.73
C SER B 189 0.14 22.21 17.28
N LEU B 190 0.02 23.50 17.54
CA LEU B 190 -1.21 24.07 18.03
C LEU B 190 -1.89 24.67 16.86
N TRP B 191 -3.17 24.35 16.68
CA TRP B 191 -3.90 24.78 15.53
C TRP B 191 -4.97 25.72 15.95
N TYR B 192 -5.07 26.86 15.30
CA TYR B 192 -5.87 27.95 15.78
C TYR B 192 -7.03 28.24 14.91
N THR B 193 -8.18 28.40 15.56
CA THR B 193 -9.45 28.77 14.94
C THR B 193 -9.89 30.07 15.59
N PRO B 194 -10.36 31.00 14.76
CA PRO B 194 -10.64 32.38 15.18
C PRO B 194 -11.90 32.52 16.01
N ILE B 195 -11.95 33.51 16.90
CA ILE B 195 -13.18 33.82 17.58
C ILE B 195 -13.98 34.58 16.55
N ARG B 196 -15.24 34.19 16.40
CA ARG B 196 -16.11 34.93 15.52
C ARG B 196 -16.51 36.24 16.11
N ARG B 197 -16.96 36.22 17.36
CA ARG B 197 -17.45 37.44 18.00
C ARG B 197 -17.10 37.42 19.47
N GLU B 198 -16.56 38.52 19.96
CA GLU B 198 -16.13 38.54 21.34
C GLU B 198 -17.29 38.70 22.28
N TRP B 199 -18.12 37.69 22.40
CA TRP B 199 -18.99 37.58 23.53
C TRP B 199 -18.67 36.29 24.21
N TYR B 200 -19.34 35.23 23.84
CA TYR B 200 -18.98 33.92 24.29
C TYR B 200 -17.76 33.74 23.45
N TYR B 201 -17.03 32.64 23.66
CA TYR B 201 -15.90 32.34 22.80
C TYR B 201 -16.48 31.56 21.63
N GLU B 202 -17.13 32.28 20.71
CA GLU B 202 -17.80 31.63 19.62
C GLU B 202 -16.81 31.23 18.59
N VAL B 203 -17.08 30.11 17.92
CA VAL B 203 -16.24 29.57 16.87
C VAL B 203 -17.14 28.94 15.80
N ILE B 204 -16.63 28.80 14.58
CA ILE B 204 -17.43 28.28 13.51
C ILE B 204 -16.95 26.87 13.26
N ILE B 205 -17.88 25.95 13.04
CA ILE B 205 -17.51 24.58 12.80
C ILE B 205 -17.90 24.31 11.40
N VAL B 206 -16.91 24.00 10.56
CA VAL B 206 -17.11 23.85 9.12
C VAL B 206 -17.47 22.45 8.61
N ARG B 207 -17.31 21.43 9.44
CA ARG B 207 -17.68 20.11 9.04
C ARG B 207 -17.72 19.14 10.19
N VAL B 208 -18.53 18.12 10.10
CA VAL B 208 -18.50 17.06 11.07
C VAL B 208 -18.57 15.76 10.36
N GLU B 209 -17.54 14.94 10.54
CA GLU B 209 -17.50 13.64 9.93
C GLU B 209 -17.36 12.64 11.05
N ILE B 210 -18.24 11.65 11.10
CA ILE B 210 -18.17 10.68 12.19
C ILE B 210 -17.37 9.45 11.81
N ASN B 211 -16.15 9.33 12.32
CA ASN B 211 -15.36 8.11 12.03
C ASN B 211 -15.18 7.84 10.52
N GLY B 212 -14.91 8.90 9.78
CA GLY B 212 -14.87 8.83 8.33
C GLY B 212 -16.19 9.03 7.58
N GLN B 213 -17.23 9.54 8.24
CA GLN B 213 -18.45 9.79 7.52
C GLN B 213 -18.82 11.21 7.73
N ASP B 214 -18.94 11.97 6.66
CA ASP B 214 -19.38 13.33 6.77
C ASP B 214 -20.85 13.18 6.97
N LEU B 215 -21.42 13.99 7.85
CA LEU B 215 -22.86 14.02 8.01
C LEU B 215 -23.48 14.45 6.68
N LYS B 216 -22.77 15.30 5.95
CA LYS B 216 -23.33 16.11 4.84
C LYS B 216 -24.49 17.10 5.09
N MET B 217 -24.37 17.87 6.15
CA MET B 217 -25.43 18.78 6.55
C MET B 217 -24.95 20.18 6.24
N ASP B 218 -25.88 21.10 6.04
CA ASP B 218 -25.48 22.46 5.72
C ASP B 218 -24.64 22.93 6.89
N CYS B 219 -23.55 23.60 6.58
CA CYS B 219 -22.59 23.98 7.59
C CYS B 219 -23.29 24.87 8.59
N LYS B 220 -24.18 25.72 8.06
CA LYS B 220 -24.81 26.73 8.86
C LYS B 220 -25.43 26.02 10.03
N GLU B 221 -25.89 24.80 9.79
CA GLU B 221 -26.68 24.11 10.79
C GLU B 221 -25.89 23.83 12.04
N TYR B 222 -24.63 23.55 11.88
CA TYR B 222 -23.77 23.18 12.98
C TYR B 222 -23.63 24.28 13.98
N ASN B 223 -23.70 25.49 13.50
CA ASN B 223 -23.37 26.67 14.24
C ASN B 223 -24.59 27.46 14.60
N TYR B 224 -25.72 26.80 14.77
CA TYR B 224 -26.97 27.53 14.98
C TYR B 224 -27.50 27.32 16.38
N ASP B 225 -27.81 28.41 17.08
CA ASP B 225 -27.45 29.74 16.64
C ASP B 225 -25.94 29.91 16.62
N LYS B 226 -25.27 29.35 17.62
CA LYS B 226 -23.87 29.59 17.84
C LYS B 226 -23.11 28.37 18.20
N SER B 227 -21.80 28.42 18.09
CA SER B 227 -20.95 27.37 18.57
C SER B 227 -20.05 28.03 19.57
N ILE B 228 -19.96 27.49 20.79
CA ILE B 228 -19.14 28.11 21.83
C ILE B 228 -18.29 27.11 22.59
N VAL B 229 -17.17 27.56 23.15
CA VAL B 229 -16.34 26.68 23.93
C VAL B 229 -16.54 26.98 25.41
N ASP B 230 -17.23 26.08 26.08
CA ASP B 230 -17.56 26.32 27.46
C ASP B 230 -16.89 25.27 28.32
N SER B 231 -16.00 25.72 29.19
CA SER B 231 -15.36 24.83 30.15
C SER B 231 -16.39 24.29 31.11
N GLY B 232 -17.32 25.15 31.52
CA GLY B 232 -18.33 24.82 32.49
C GLY B 232 -19.31 23.73 32.11
N THR B 233 -19.76 23.73 30.86
CA THR B 233 -20.81 22.80 30.47
C THR B 233 -20.27 21.39 30.44
N THR B 234 -20.97 20.51 31.14
CA THR B 234 -20.55 19.11 31.26
C THR B 234 -20.52 18.32 29.95
N ASN B 235 -21.56 18.52 29.13
CA ASN B 235 -21.68 17.81 27.89
C ASN B 235 -21.38 18.51 26.62
N LEU B 236 -21.55 17.81 25.53
CA LEU B 236 -21.44 18.40 24.25
C LEU B 236 -22.84 18.55 23.83
N ARG B 237 -23.20 19.75 23.43
CA ARG B 237 -24.55 20.00 23.12
C ARG B 237 -24.62 20.38 21.69
N LEU B 238 -25.53 19.76 20.94
CA LEU B 238 -25.62 19.96 19.50
C LEU B 238 -27.04 20.35 19.13
N PRO B 239 -27.16 21.24 18.15
CA PRO B 239 -28.47 21.77 17.82
C PRO B 239 -29.33 20.61 17.46
N LYS B 240 -30.63 20.86 17.40
CA LYS B 240 -31.64 19.81 17.36
C LYS B 240 -31.52 18.91 16.15
N LYS B 241 -31.23 19.50 14.99
CA LYS B 241 -31.13 18.70 13.81
C LYS B 241 -29.84 17.96 13.84
N VAL B 242 -28.79 18.61 14.28
CA VAL B 242 -27.51 17.95 14.34
C VAL B 242 -27.53 16.83 15.32
N PHE B 243 -28.17 17.07 16.46
CA PHE B 243 -28.14 16.12 17.55
C PHE B 243 -28.75 14.82 17.08
N GLU B 244 -29.80 14.93 16.26
CA GLU B 244 -30.51 13.75 15.88
C GLU B 244 -29.66 12.91 14.97
N ALA B 245 -28.98 13.55 14.04
CA ALA B 245 -28.25 12.79 13.08
C ALA B 245 -27.20 12.00 13.81
N ALA B 246 -26.53 12.67 14.72
CA ALA B 246 -25.42 12.05 15.40
C ALA B 246 -25.81 10.85 16.22
N VAL B 247 -26.84 11.02 17.04
CA VAL B 247 -27.31 9.96 17.92
C VAL B 247 -27.95 8.90 17.06
N LYS B 248 -28.28 9.28 15.84
CA LYS B 248 -28.87 8.31 14.88
C LYS B 248 -27.87 7.41 14.13
N SER B 249 -26.80 8.00 13.62
CA SER B 249 -25.61 7.28 13.18
C SER B 249 -24.81 6.50 14.23
N ILE B 250 -24.59 7.16 15.36
CA ILE B 250 -23.83 6.60 16.46
C ILE B 250 -24.45 5.28 16.92
N LYS B 251 -25.78 5.22 16.91
CA LYS B 251 -26.44 4.00 17.33
C LYS B 251 -26.05 2.90 16.37
N ALA B 252 -25.93 3.24 15.09
CA ALA B 252 -25.79 2.24 14.10
C ALA B 252 -24.51 1.57 14.44
N ALA B 253 -23.49 2.34 14.62
CA ALA B 253 -22.20 1.78 14.99
C ALA B 253 -22.25 1.04 16.28
N SER B 254 -23.07 1.50 17.22
CA SER B 254 -23.20 0.81 18.51
C SER B 254 -24.36 -0.18 18.54
N SER B 255 -24.97 -0.42 17.39
CA SER B 255 -26.29 -0.99 17.31
C SER B 255 -26.05 -2.31 17.99
N THR B 256 -24.85 -2.85 17.84
CA THR B 256 -24.67 -4.25 18.27
C THR B 256 -25.13 -4.44 19.72
N GLU B 257 -24.87 -3.43 20.54
CA GLU B 257 -25.31 -3.44 21.94
C GLU B 257 -26.76 -3.00 22.17
N LYS B 258 -27.28 -3.38 23.33
CA LYS B 258 -28.60 -3.06 23.84
C LYS B 258 -28.57 -1.82 24.70
N PHE B 259 -29.38 -0.84 24.33
CA PHE B 259 -29.46 0.37 25.12
C PHE B 259 -30.86 0.78 25.52
N PRO B 260 -31.05 1.10 26.80
CA PRO B 260 -32.27 1.77 27.19
C PRO B 260 -32.29 3.12 26.50
N ASP B 261 -33.42 3.56 25.96
CA ASP B 261 -33.50 4.82 25.23
C ASP B 261 -33.17 6.00 26.12
N GLY B 262 -33.55 5.87 27.38
CA GLY B 262 -33.36 6.96 28.30
C GLY B 262 -31.89 7.26 28.34
N PHE B 263 -31.10 6.28 27.94
CA PHE B 263 -29.68 6.41 27.88
C PHE B 263 -29.28 7.47 26.89
N TRP B 264 -29.90 7.43 25.73
CA TRP B 264 -29.55 8.36 24.69
C TRP B 264 -29.83 9.80 24.95
N LEU B 265 -30.81 10.06 25.82
CA LEU B 265 -31.04 11.38 26.36
C LEU B 265 -29.88 11.80 27.26
N GLY B 266 -29.39 10.82 28.01
CA GLY B 266 -28.56 10.99 29.17
C GLY B 266 -29.23 10.87 30.50
N GLU B 267 -30.46 10.38 30.46
CA GLU B 267 -31.18 10.10 31.68
C GLU B 267 -30.53 9.06 32.55
N GLN B 268 -30.16 7.95 31.90
CA GLN B 268 -29.84 6.73 32.60
C GLN B 268 -28.49 6.17 32.19
N LEU B 269 -27.85 5.56 33.17
CA LEU B 269 -26.50 4.98 33.00
C LEU B 269 -26.56 3.62 32.31
N VAL B 270 -25.44 3.21 31.73
CA VAL B 270 -25.28 1.88 31.16
C VAL B 270 -23.99 1.28 31.72
N CYS B 271 -24.04 0.03 32.15
CA CYS B 271 -22.89 -0.59 32.80
C CYS B 271 -22.47 -1.93 32.19
N TRP B 272 -21.17 -2.12 32.02
CA TRP B 272 -20.63 -3.40 31.57
C TRP B 272 -19.57 -3.84 32.56
N GLN B 273 -19.64 -5.07 33.07
CA GLN B 273 -18.80 -5.48 34.20
C GLN B 273 -17.32 -5.22 33.88
N ALA B 274 -16.59 -4.72 34.88
CA ALA B 274 -15.38 -3.91 34.63
C ALA B 274 -14.36 -4.47 33.62
N GLY B 275 -13.84 -3.59 32.77
CA GLY B 275 -12.79 -3.98 31.84
C GLY B 275 -13.30 -4.77 30.66
N THR B 276 -14.63 -4.87 30.53
CA THR B 276 -15.23 -5.58 29.40
C THR B 276 -15.81 -4.60 28.40
N THR B 277 -15.70 -3.32 28.74
CA THR B 277 -16.35 -2.29 27.97
C THR B 277 -15.80 -2.30 26.57
N PRO B 278 -16.71 -2.24 25.60
CA PRO B 278 -16.30 -2.17 24.21
C PRO B 278 -16.48 -0.75 23.72
N TRP B 279 -15.35 -0.12 23.43
CA TRP B 279 -15.33 1.18 22.77
C TRP B 279 -15.00 1.10 21.28
N ASN B 280 -14.64 -0.11 20.83
CA ASN B 280 -14.38 -0.34 19.42
C ASN B 280 -15.72 -0.34 18.72
N ILE B 281 -16.76 -0.45 19.53
CA ILE B 281 -18.11 -0.38 19.06
C ILE B 281 -18.43 1.06 18.73
N PHE B 282 -17.86 1.98 19.49
CA PHE B 282 -18.20 3.39 19.37
C PHE B 282 -17.28 4.19 18.47
N PRO B 283 -17.85 4.90 17.51
CA PRO B 283 -17.06 5.60 16.52
C PRO B 283 -16.53 6.84 17.11
N VAL B 284 -15.45 7.38 16.54
CA VAL B 284 -14.99 8.70 16.87
C VAL B 284 -15.74 9.73 16.09
N ILE B 285 -15.68 10.95 16.56
CA ILE B 285 -16.34 12.06 15.94
C ILE B 285 -15.35 13.14 15.68
N SER B 286 -15.32 13.65 14.46
CA SER B 286 -14.37 14.70 14.11
C SER B 286 -15.08 16.01 13.83
N LEU B 287 -14.62 17.06 14.51
CA LEU B 287 -15.17 18.38 14.33
C LEU B 287 -14.14 19.23 13.68
N TYR B 288 -14.51 19.85 12.58
CA TYR B 288 -13.54 20.61 11.84
C TYR B 288 -13.81 22.05 12.11
N LEU B 289 -12.77 22.78 12.50
CA LEU B 289 -12.88 24.19 12.81
C LEU B 289 -12.17 25.12 11.85
N MET B 290 -12.78 26.26 11.58
CA MET B 290 -12.25 27.14 10.57
C MET B 290 -10.86 27.51 11.03
N GLY B 291 -9.93 27.41 10.09
CA GLY B 291 -8.57 27.83 10.33
C GLY B 291 -8.64 29.33 10.29
N GLU B 292 -7.57 30.00 10.70
CA GLU B 292 -7.50 31.45 10.60
C GLU B 292 -7.65 31.73 9.12
N VAL B 293 -7.28 30.72 8.33
CA VAL B 293 -7.39 30.79 6.90
C VAL B 293 -8.00 29.47 6.54
N THR B 294 -8.95 29.50 5.60
CA THR B 294 -9.72 28.30 5.28
C THR B 294 -8.91 27.15 4.64
N ASN B 295 -7.81 27.49 4.00
CA ASN B 295 -6.93 26.48 3.45
C ASN B 295 -6.50 25.68 4.66
N GLN B 296 -6.28 26.39 5.76
CA GLN B 296 -6.04 25.77 7.05
C GLN B 296 -7.29 25.88 7.91
N SER B 297 -8.08 24.82 7.88
CA SER B 297 -9.12 24.59 8.88
C SER B 297 -8.86 23.14 9.29
N PHE B 298 -8.93 22.82 10.59
CA PHE B 298 -8.39 21.55 10.98
C PHE B 298 -9.48 20.85 11.73
N ARG B 299 -9.22 19.66 12.23
CA ARG B 299 -10.21 18.93 12.97
C ARG B 299 -9.60 18.44 14.23
N ILE B 300 -10.41 18.20 15.23
CA ILE B 300 -9.95 17.57 16.42
C ILE B 300 -10.86 16.41 16.59
N THR B 301 -10.31 15.27 16.97
CA THR B 301 -11.06 14.03 17.00
C THR B 301 -11.55 13.63 18.36
N ILE B 302 -12.83 13.29 18.47
CA ILE B 302 -13.39 12.88 19.76
C ILE B 302 -13.50 11.36 19.88
N LEU B 303 -12.90 10.83 20.93
CA LEU B 303 -12.94 9.41 21.21
C LEU B 303 -14.14 9.10 22.10
N PRO B 304 -14.68 7.90 21.94
CA PRO B 304 -15.84 7.50 22.68
C PRO B 304 -15.66 7.64 24.15
N GLN B 305 -14.46 7.44 24.65
CA GLN B 305 -14.19 7.55 26.09
C GLN B 305 -14.51 8.96 26.57
N GLN B 306 -14.32 9.92 25.68
CA GLN B 306 -14.59 11.33 25.94
C GLN B 306 -16.09 11.59 26.10
N TYR B 307 -16.89 11.01 25.21
CA TYR B 307 -18.31 11.29 25.20
C TYR B 307 -19.15 10.25 25.88
N LEU B 308 -18.54 9.24 26.47
CA LEU B 308 -19.27 8.39 27.35
C LEU B 308 -18.73 8.72 28.72
N ARG B 309 -19.51 9.37 29.56
CA ARG B 309 -18.95 9.85 30.79
C ARG B 309 -19.09 8.86 31.89
N PRO B 310 -17.99 8.50 32.51
CA PRO B 310 -17.99 7.54 33.58
C PRO B 310 -18.65 8.10 34.80
N VAL B 311 -19.43 7.29 35.50
CA VAL B 311 -20.07 7.68 36.73
C VAL B 311 -20.08 6.48 37.62
N GLU B 312 -20.24 6.70 38.92
CA GLU B 312 -20.24 5.61 39.86
C GLU B 312 -21.42 4.73 39.58
N ASP B 313 -21.15 3.42 39.56
CA ASP B 313 -22.15 2.39 39.30
C ASP B 313 -23.09 2.32 40.50
N VAL B 314 -24.24 1.68 40.34
CA VAL B 314 -25.18 1.65 41.45
C VAL B 314 -24.46 1.03 42.64
N ALA B 315 -23.60 0.07 42.39
CA ALA B 315 -22.99 -0.67 43.48
C ALA B 315 -21.47 -0.59 43.49
N THR B 316 -20.90 -0.99 44.63
CA THR B 316 -19.47 -1.23 44.71
C THR B 316 -19.14 -2.37 43.75
N SER B 317 -20.23 -2.88 43.18
CA SER B 317 -20.24 -3.96 42.21
C SER B 317 -19.51 -3.56 40.93
N GLN B 318 -18.99 -4.60 40.28
CA GLN B 318 -17.82 -4.57 39.42
C GLN B 318 -18.01 -3.74 38.13
N ASP B 319 -19.22 -3.71 37.58
CA ASP B 319 -19.44 -3.07 36.27
C ASP B 319 -19.09 -1.58 36.18
N ASP B 320 -18.51 -1.21 35.04
CA ASP B 320 -18.10 0.14 34.70
C ASP B 320 -19.23 0.79 33.93
N CYS B 321 -19.89 1.72 34.60
CA CYS B 321 -21.14 2.33 34.13
C CYS B 321 -20.93 3.79 33.76
N TYR B 322 -21.50 4.17 32.62
CA TYR B 322 -21.23 5.44 31.99
C TYR B 322 -22.56 6.03 31.62
N LYS B 323 -22.59 7.35 31.43
CA LYS B 323 -23.76 8.06 30.93
C LYS B 323 -23.39 8.86 29.69
N PHE B 324 -24.19 8.73 28.64
CA PHE B 324 -23.91 9.42 27.38
C PHE B 324 -23.73 10.91 27.64
N ALA B 325 -22.70 11.49 27.04
CA ALA B 325 -22.36 12.90 27.31
C ALA B 325 -22.88 13.92 26.30
N ILE B 326 -23.62 13.48 25.29
CA ILE B 326 -24.01 14.38 24.24
C ILE B 326 -25.45 14.74 24.45
N SER B 327 -25.74 16.03 24.49
CA SER B 327 -27.06 16.53 24.83
C SER B 327 -27.53 17.52 23.78
N GLN B 328 -28.81 17.48 23.47
CA GLN B 328 -29.36 18.36 22.46
C GLN B 328 -29.37 19.78 22.92
N SER B 329 -29.27 20.73 21.99
CA SER B 329 -29.32 22.15 22.37
C SER B 329 -30.23 23.01 21.49
N SER B 330 -30.85 24.03 22.08
CA SER B 330 -31.62 24.99 21.32
C SER B 330 -30.82 26.27 21.32
N THR B 331 -29.77 26.30 22.13
CA THR B 331 -28.91 27.47 22.22
C THR B 331 -27.82 27.42 21.17
N GLY B 332 -27.77 26.32 20.43
CA GLY B 332 -26.70 26.10 19.48
C GLY B 332 -25.67 25.23 20.11
N THR B 333 -24.59 24.97 19.39
CA THR B 333 -23.58 24.04 19.82
C THR B 333 -22.73 24.51 20.97
N VAL B 334 -22.48 23.63 21.92
CA VAL B 334 -21.58 23.92 23.00
C VAL B 334 -20.56 22.85 23.08
N MET B 335 -19.30 23.22 23.11
CA MET B 335 -18.28 22.23 23.27
C MET B 335 -17.83 22.24 24.68
N GLY B 336 -18.37 21.35 25.47
CA GLY B 336 -18.18 21.36 26.89
C GLY B 336 -16.94 20.63 27.24
N ALA B 337 -16.81 20.28 28.50
CA ALA B 337 -15.58 19.80 29.03
C ALA B 337 -15.15 18.56 28.32
N VAL B 338 -16.07 17.69 28.02
CA VAL B 338 -15.70 16.41 27.56
C VAL B 338 -14.91 16.59 26.29
N ILE B 339 -15.31 17.54 25.49
CA ILE B 339 -14.55 17.82 24.30
C ILE B 339 -13.20 18.35 24.66
N MET B 340 -13.20 19.29 25.58
CA MET B 340 -12.00 19.96 26.01
C MET B 340 -11.04 19.06 26.72
N GLU B 341 -11.54 18.02 27.36
CA GLU B 341 -10.75 17.24 28.27
C GLU B 341 -9.59 16.63 27.59
N GLY B 342 -9.78 16.23 26.34
CA GLY B 342 -8.73 15.60 25.60
C GLY B 342 -7.64 16.50 25.11
N PHE B 343 -7.83 17.80 25.26
CA PHE B 343 -7.03 18.74 24.53
C PHE B 343 -6.51 19.86 25.37
N TYR B 344 -5.55 20.56 24.81
CA TYR B 344 -5.02 21.72 25.44
C TYR B 344 -5.55 22.84 24.62
N VAL B 345 -6.27 23.75 25.24
CA VAL B 345 -6.94 24.76 24.51
C VAL B 345 -6.42 26.08 24.95
N VAL B 346 -6.08 26.92 23.98
CA VAL B 346 -5.56 28.24 24.25
C VAL B 346 -6.52 29.31 23.81
N PHE B 347 -6.85 30.20 24.71
CA PHE B 347 -7.69 31.30 24.38
C PHE B 347 -6.80 32.49 24.26
N ASP B 348 -6.41 32.75 23.03
CA ASP B 348 -5.56 33.83 22.69
C ASP B 348 -6.44 35.00 22.47
N ARG B 349 -6.90 35.60 23.54
CA ARG B 349 -7.80 36.71 23.42
C ARG B 349 -7.06 37.76 22.68
N ALA B 350 -5.78 37.86 22.94
CA ALA B 350 -5.05 38.99 22.44
C ALA B 350 -5.15 38.94 20.96
N ARG B 351 -4.96 37.76 20.40
CA ARG B 351 -4.93 37.59 18.96
C ARG B 351 -6.25 37.07 18.47
N LYS B 352 -7.26 37.12 19.31
CA LYS B 352 -8.60 36.82 18.85
C LYS B 352 -8.73 35.49 18.16
N ARG B 353 -8.17 34.47 18.77
CA ARG B 353 -8.25 33.13 18.24
C ARG B 353 -8.09 32.12 19.34
N ILE B 354 -8.51 30.90 19.08
CA ILE B 354 -8.35 29.80 19.99
C ILE B 354 -7.67 28.66 19.30
N GLY B 355 -6.67 28.06 19.92
CA GLY B 355 -5.96 26.99 19.27
C GLY B 355 -6.05 25.76 20.09
N PHE B 356 -6.08 24.60 19.46
CA PHE B 356 -6.18 23.33 20.16
C PHE B 356 -5.03 22.39 19.82
N ALA B 357 -4.41 21.82 20.84
CA ALA B 357 -3.36 20.86 20.64
C ALA B 357 -3.66 19.68 21.51
N VAL B 358 -3.10 18.53 21.20
CA VAL B 358 -3.36 17.36 21.99
C VAL B 358 -2.84 17.54 23.39
N SER B 359 -3.68 17.25 24.36
CA SER B 359 -3.32 17.40 25.76
C SER B 359 -2.38 16.30 26.09
N ALA B 360 -1.42 16.56 26.95
CA ALA B 360 -0.62 15.47 27.43
C ALA B 360 -1.45 14.55 28.27
N CYS B 361 -2.30 15.12 29.12
CA CYS B 361 -3.03 14.29 30.06
C CYS B 361 -4.18 13.73 29.26
N HIS B 362 -3.84 12.86 28.32
CA HIS B 362 -4.88 12.24 27.48
C HIS B 362 -4.86 10.71 27.61
N VAL B 363 -6.03 10.14 27.86
CA VAL B 363 -6.19 8.70 27.91
C VAL B 363 -6.05 8.11 26.53
N HIS B 364 -5.50 6.89 26.44
CA HIS B 364 -5.43 6.17 25.16
C HIS B 364 -5.95 4.73 25.20
N ASP B 365 -6.75 4.37 24.20
CA ASP B 365 -7.12 3.00 23.96
C ASP B 365 -5.98 2.46 23.12
N GLU B 366 -5.96 1.15 22.89
CA GLU B 366 -4.86 0.58 22.17
C GLU B 366 -4.87 1.14 20.77
N PHE B 367 -6.06 1.28 20.22
CA PHE B 367 -6.15 1.44 18.80
C PHE B 367 -6.57 2.76 18.19
N ARG B 368 -6.80 3.76 19.02
CA ARG B 368 -7.19 5.06 18.51
C ARG B 368 -6.55 6.16 19.33
N THR B 369 -6.29 7.30 18.71
CA THR B 369 -5.81 8.42 19.46
C THR B 369 -6.64 9.62 19.10
N ALA B 370 -6.81 10.52 20.04
CA ALA B 370 -7.58 11.69 19.75
C ALA B 370 -6.57 12.74 19.42
N ALA B 371 -6.66 13.31 18.24
CA ALA B 371 -5.66 14.22 17.79
C ALA B 371 -6.20 15.39 17.07
N VAL B 372 -5.35 16.37 16.85
CA VAL B 372 -5.71 17.59 16.19
C VAL B 372 -4.96 17.60 14.90
N GLU B 373 -5.65 17.65 13.78
CA GLU B 373 -4.98 17.43 12.52
C GLU B 373 -5.22 18.52 11.51
N GLY B 374 -4.18 18.80 10.73
CA GLY B 374 -4.19 19.82 9.69
C GLY B 374 -3.28 19.37 8.55
N PRO B 375 -3.41 19.99 7.37
CA PRO B 375 -4.31 21.14 7.16
C PRO B 375 -5.41 20.86 6.14
N PHE B 376 -6.63 21.29 6.46
CA PHE B 376 -7.79 20.99 5.67
C PHE B 376 -8.30 22.24 5.04
N VAL B 377 -8.96 22.06 3.90
CA VAL B 377 -9.66 23.13 3.24
C VAL B 377 -11.11 22.72 3.44
N THR B 378 -11.83 23.65 4.01
CA THR B 378 -13.12 23.51 4.55
C THR B 378 -13.84 24.69 4.10
N LEU B 379 -15.10 24.82 4.41
CA LEU B 379 -15.88 25.94 3.93
C LEU B 379 -15.74 27.37 4.44
N ASP B 380 -16.26 28.39 3.79
CA ASP B 380 -15.84 29.69 4.29
C ASP B 380 -16.65 30.04 5.50
N MET B 381 -16.22 31.03 6.26
CA MET B 381 -16.99 31.42 7.43
C MET B 381 -18.31 31.87 6.91
N GLU B 382 -18.23 32.62 5.84
CA GLU B 382 -19.36 33.37 5.39
C GLU B 382 -20.47 32.41 5.06
N ASP B 383 -20.16 31.33 4.35
CA ASP B 383 -21.15 30.27 4.18
C ASP B 383 -21.50 29.59 5.51
N CYS B 384 -20.46 29.29 6.29
CA CYS B 384 -20.59 28.53 7.54
C CYS B 384 -21.36 29.19 8.70
N GLY B 385 -21.09 30.47 8.92
CA GLY B 385 -21.61 31.17 10.10
C GLY B 385 -23.10 31.43 10.10
N TYR B 386 -23.71 31.42 11.29
CA TYR B 386 -25.10 31.79 11.38
C TYR B 386 -25.23 33.27 11.63
N ASN B 387 -26.31 33.83 11.10
CA ASN B 387 -26.59 35.24 11.20
C ASN B 387 -28.09 35.47 11.23
N ILE B 388 -28.53 36.40 12.06
CA ILE B 388 -29.94 36.77 12.16
C ILE B 388 -30.53 36.86 10.76
N PHE C 1 4.80 -27.57 -19.94
CA PHE C 1 6.08 -26.87 -19.98
C PHE C 1 5.94 -25.45 -19.46
N VAL C 2 4.87 -24.78 -19.80
CA VAL C 2 4.80 -23.36 -19.54
C VAL C 2 5.04 -23.30 -18.05
N GLU C 3 4.80 -24.43 -17.38
CA GLU C 3 4.80 -24.42 -15.94
C GLU C 3 6.15 -23.87 -15.55
N MET C 4 7.15 -24.18 -16.37
CA MET C 4 8.50 -23.87 -16.00
C MET C 4 9.04 -22.59 -16.53
N VAL C 5 8.20 -21.82 -17.22
CA VAL C 5 8.64 -20.55 -17.78
C VAL C 5 8.88 -19.53 -16.67
N ASP C 6 9.90 -18.69 -16.85
CA ASP C 6 10.17 -17.60 -15.93
C ASP C 6 10.36 -18.13 -14.52
N ASN C 7 10.98 -19.29 -14.42
CA ASN C 7 11.22 -19.92 -13.13
C ASN C 7 12.52 -19.45 -12.49
N LEU C 8 13.28 -18.63 -13.21
CA LEU C 8 14.57 -18.23 -12.72
C LEU C 8 14.56 -16.78 -12.35
N ARG C 9 15.13 -16.47 -11.19
CA ARG C 9 15.23 -15.09 -10.71
C ARG C 9 16.67 -14.74 -10.37
N GLY C 10 17.14 -13.56 -10.79
CA GLY C 10 18.51 -13.19 -10.57
C GLY C 10 19.21 -12.30 -11.55
N LYS C 11 20.52 -12.17 -11.34
CA LYS C 11 21.38 -11.34 -12.19
C LYS C 11 22.66 -12.08 -12.65
N SER C 12 23.20 -11.62 -13.79
CA SER C 12 24.37 -12.17 -14.42
C SER C 12 25.50 -11.87 -13.45
N GLY C 13 25.39 -10.73 -12.80
CA GLY C 13 26.39 -10.34 -11.84
C GLY C 13 26.42 -11.33 -10.71
N GLN C 14 25.25 -11.70 -10.24
CA GLN C 14 25.14 -12.56 -9.09
C GLN C 14 24.55 -13.91 -9.38
N GLY C 15 24.46 -14.27 -10.65
CA GLY C 15 24.00 -15.58 -11.05
C GLY C 15 22.52 -15.68 -11.22
N TYR C 16 22.04 -16.82 -11.66
CA TYR C 16 20.63 -17.04 -11.86
C TYR C 16 20.31 -18.23 -11.03
N TYR C 17 19.14 -18.30 -10.44
CA TYR C 17 18.84 -19.40 -9.57
C TYR C 17 17.44 -19.87 -9.68
N VAL C 18 17.20 -21.07 -9.21
CA VAL C 18 15.89 -21.65 -9.25
C VAL C 18 15.60 -22.31 -7.95
N GLU C 19 14.35 -22.63 -7.72
CA GLU C 19 13.93 -23.09 -6.42
C GLU C 19 13.75 -24.58 -6.40
N MET C 20 14.32 -25.19 -5.37
CA MET C 20 14.28 -26.62 -5.21
C MET C 20 14.02 -26.91 -3.77
N THR C 21 13.65 -28.15 -3.48
CA THR C 21 13.43 -28.58 -2.12
C THR C 21 14.25 -29.82 -1.89
N VAL C 22 14.91 -29.91 -0.75
CA VAL C 22 15.72 -31.08 -0.46
C VAL C 22 15.29 -31.72 0.85
N GLY C 23 15.04 -33.02 0.81
CA GLY C 23 14.84 -33.75 2.03
C GLY C 23 13.42 -33.86 2.42
N SER C 24 13.12 -34.72 3.38
CA SER C 24 11.76 -34.88 3.87
C SER C 24 11.69 -34.69 5.37
N PRO C 25 10.84 -33.78 5.84
CA PRO C 25 10.02 -32.97 4.94
C PRO C 25 10.89 -32.08 4.09
N PRO C 26 10.31 -31.48 3.06
CA PRO C 26 11.06 -30.64 2.16
C PRO C 26 11.41 -29.31 2.74
N GLN C 27 12.58 -28.81 2.39
CA GLN C 27 13.03 -27.50 2.76
C GLN C 27 13.36 -26.80 1.48
N THR C 28 13.21 -25.49 1.45
CA THR C 28 13.24 -24.75 0.20
C THR C 28 14.45 -23.90 0.05
N LEU C 29 15.19 -24.13 -1.03
CA LEU C 29 16.43 -23.42 -1.28
C LEU C 29 16.50 -22.87 -2.69
N ASN C 30 17.14 -21.72 -2.83
CA ASN C 30 17.31 -21.12 -4.14
C ASN C 30 18.71 -21.49 -4.59
N ILE C 31 18.79 -22.19 -5.71
CA ILE C 31 20.04 -22.73 -6.15
C ILE C 31 20.58 -22.10 -7.40
N LEU C 32 21.82 -21.63 -7.36
CA LEU C 32 22.45 -21.06 -8.55
C LEU C 32 22.57 -22.17 -9.58
N VAL C 33 22.30 -21.84 -10.84
CA VAL C 33 22.32 -22.86 -11.86
C VAL C 33 23.58 -22.68 -12.64
N ASP C 34 24.51 -23.60 -12.47
CA ASP C 34 25.79 -23.49 -13.14
C ASP C 34 26.00 -24.66 -14.08
N THR C 35 26.24 -24.33 -15.36
CA THR C 35 26.49 -25.36 -16.36
C THR C 35 27.99 -25.59 -16.50
N GLY C 36 28.76 -24.97 -15.61
CA GLY C 36 30.20 -25.10 -15.64
C GLY C 36 30.70 -26.14 -14.66
N SER C 37 29.91 -26.45 -13.64
CA SER C 37 30.29 -27.42 -12.65
C SER C 37 29.30 -28.56 -12.72
N SER C 38 29.73 -29.74 -12.33
CA SER C 38 28.81 -30.88 -12.27
C SER C 38 28.41 -31.23 -10.84
N ASN C 39 28.73 -30.31 -9.93
CA ASN C 39 28.62 -30.58 -8.50
C ASN C 39 27.47 -29.82 -7.85
N PHE C 40 26.66 -30.56 -7.09
CA PHE C 40 25.47 -30.00 -6.47
C PHE C 40 25.66 -29.88 -4.99
N ALA C 41 25.60 -28.67 -4.47
CA ALA C 41 25.98 -28.41 -3.11
C ALA C 41 25.09 -27.35 -2.53
N VAL C 42 24.99 -27.32 -1.21
CA VAL C 42 24.14 -26.35 -0.51
C VAL C 42 24.76 -25.96 0.83
N GLY C 43 24.39 -24.80 1.36
CA GLY C 43 24.94 -24.39 2.63
C GLY C 43 24.19 -25.02 3.76
N ALA C 44 24.90 -25.74 4.63
CA ALA C 44 24.25 -26.53 5.64
C ALA C 44 24.34 -25.97 7.03
N ALA C 45 24.72 -24.72 7.17
CA ALA C 45 24.86 -24.16 8.48
C ALA C 45 24.79 -22.66 8.44
N PRO C 46 24.71 -22.03 9.62
CA PRO C 46 24.52 -20.57 9.68
C PRO C 46 25.71 -19.83 9.06
N HIS C 47 25.45 -18.74 8.36
CA HIS C 47 26.51 -18.04 7.69
C HIS C 47 26.10 -16.60 7.56
N PRO C 48 27.06 -15.71 7.44
CA PRO C 48 26.72 -14.30 7.52
C PRO C 48 25.79 -13.91 6.39
N PHE C 49 26.12 -14.32 5.18
CA PHE C 49 25.27 -14.11 4.03
C PHE C 49 23.96 -14.86 3.96
N LEU C 50 23.95 -16.11 4.37
CA LEU C 50 22.81 -16.95 4.11
C LEU C 50 21.55 -16.61 4.86
N HIS C 51 20.46 -16.46 4.12
CA HIS C 51 19.13 -16.40 4.68
C HIS C 51 18.70 -17.75 5.23
N ARG C 52 18.99 -18.81 4.49
CA ARG C 52 18.49 -20.15 4.82
C ARG C 52 19.52 -21.24 4.53
N TYR C 53 19.37 -22.41 5.15
CA TYR C 53 20.37 -23.45 4.97
C TYR C 53 19.82 -24.85 5.17
N TYR C 54 20.59 -25.85 4.80
CA TYR C 54 20.10 -27.22 4.81
C TYR C 54 20.29 -27.81 6.18
N GLN C 55 19.20 -28.10 6.86
CA GLN C 55 19.30 -28.81 8.10
C GLN C 55 19.03 -30.27 7.86
N ARG C 56 20.09 -31.05 7.89
CA ARG C 56 19.99 -32.47 7.66
C ARG C 56 19.11 -33.02 8.75
N GLN C 57 19.25 -32.46 9.94
CA GLN C 57 18.71 -33.13 11.12
C GLN C 57 17.27 -33.58 10.90
N LEU C 58 16.53 -32.77 10.15
CA LEU C 58 15.12 -33.04 9.89
C LEU C 58 14.80 -34.14 8.85
N SER C 59 15.62 -34.27 7.81
CA SER C 59 15.27 -35.13 6.72
C SER C 59 15.18 -36.51 7.28
N SER C 60 14.08 -37.18 6.98
CA SER C 60 13.96 -38.59 7.31
C SER C 60 14.89 -39.44 6.44
N THR C 61 14.98 -39.09 5.15
CA THR C 61 15.76 -39.90 4.18
C THR C 61 17.26 -39.54 4.03
N TYR C 62 17.65 -38.51 4.76
CA TYR C 62 18.98 -37.99 4.58
C TYR C 62 19.82 -39.19 4.89
N ARG C 63 20.72 -39.48 3.97
CA ARG C 63 21.66 -40.55 4.13
C ARG C 63 23.03 -39.98 4.04
N ASP C 64 23.84 -40.12 5.07
CA ASP C 64 25.23 -39.73 5.00
C ASP C 64 26.01 -40.69 4.14
N LEU C 65 26.98 -40.15 3.43
CA LEU C 65 27.92 -40.97 2.68
C LEU C 65 29.25 -41.07 3.35
N ARG C 66 29.43 -40.44 4.50
CA ARG C 66 30.65 -40.65 5.33
C ARG C 66 32.05 -40.41 4.70
N LYS C 67 32.18 -39.35 3.92
CA LYS C 67 33.44 -38.85 3.35
C LYS C 67 33.26 -37.36 2.96
N GLY C 68 34.34 -36.61 2.70
CA GLY C 68 34.16 -35.23 2.35
C GLY C 68 34.52 -34.84 0.96
N VAL C 69 34.13 -33.64 0.55
CA VAL C 69 34.39 -33.18 -0.79
C VAL C 69 34.91 -31.78 -0.81
N TYR C 70 35.67 -31.45 -1.85
CA TYR C 70 36.15 -30.08 -2.06
C TYR C 70 35.92 -29.69 -3.52
N VAL C 71 35.43 -28.48 -3.72
CA VAL C 71 35.25 -27.95 -5.07
C VAL C 71 35.92 -26.60 -5.17
N PRO C 72 36.73 -26.39 -6.19
CA PRO C 72 37.32 -25.07 -6.40
C PRO C 72 36.76 -24.45 -7.67
N TYR C 73 36.18 -23.25 -7.57
CA TYR C 73 35.70 -22.60 -8.73
C TYR C 73 36.72 -21.59 -9.11
N THR C 74 36.49 -20.88 -10.21
CA THR C 74 37.33 -19.74 -10.57
C THR C 74 37.23 -18.60 -9.55
N GLN C 75 35.99 -18.17 -9.31
CA GLN C 75 35.65 -17.15 -8.31
C GLN C 75 35.79 -17.53 -6.83
N GLY C 76 35.35 -18.74 -6.50
CA GLY C 76 35.16 -19.14 -5.11
C GLY C 76 35.21 -20.65 -4.92
N LYS C 77 35.36 -21.09 -3.67
CA LYS C 77 35.53 -22.50 -3.41
C LYS C 77 34.86 -22.85 -2.12
N TRP C 78 34.51 -24.12 -1.97
CA TRP C 78 33.86 -24.56 -0.75
C TRP C 78 34.24 -25.97 -0.41
N GLU C 79 34.08 -26.36 0.84
CA GLU C 79 34.17 -27.75 1.23
C GLU C 79 33.01 -28.16 2.07
N GLY C 80 32.66 -29.42 2.03
CA GLY C 80 31.41 -29.88 2.59
C GLY C 80 31.32 -31.36 2.84
N GLU C 81 30.15 -31.83 3.28
CA GLU C 81 29.98 -33.26 3.55
C GLU C 81 29.05 -33.92 2.54
N LEU C 82 29.51 -35.00 1.93
CA LEU C 82 28.70 -35.73 0.99
C LEU C 82 27.64 -36.50 1.70
N GLY C 83 26.45 -36.50 1.11
CA GLY C 83 25.29 -37.18 1.63
C GLY C 83 24.34 -37.27 0.48
N THR C 84 23.19 -37.89 0.65
CA THR C 84 22.16 -37.85 -0.37
C THR C 84 20.87 -37.57 0.34
N ASP C 85 19.86 -37.15 -0.41
CA ASP C 85 18.54 -36.90 0.12
C ASP C 85 17.62 -36.78 -1.05
N LEU C 86 16.32 -36.68 -0.78
CA LEU C 86 15.35 -36.44 -1.85
C LEU C 86 15.47 -34.99 -2.31
N VAL C 87 15.35 -34.77 -3.62
CA VAL C 87 15.33 -33.43 -4.11
C VAL C 87 14.22 -33.28 -5.07
N SER C 88 13.55 -32.13 -5.04
CA SER C 88 12.47 -31.86 -5.98
C SER C 88 12.57 -30.43 -6.46
N ILE C 89 12.17 -30.19 -7.70
CA ILE C 89 12.08 -28.86 -8.20
C ILE C 89 10.63 -28.52 -8.26
N PRO C 90 10.24 -27.59 -7.41
CA PRO C 90 8.85 -27.28 -7.25
C PRO C 90 8.34 -26.80 -8.57
N HIS C 91 9.12 -25.97 -9.21
CA HIS C 91 8.67 -25.32 -10.41
C HIS C 91 9.21 -25.97 -11.65
N GLY C 92 9.60 -27.22 -11.50
CA GLY C 92 10.13 -27.97 -12.61
C GLY C 92 9.18 -29.07 -12.94
N PRO C 93 9.72 -30.19 -13.35
CA PRO C 93 8.91 -31.37 -13.64
C PRO C 93 8.39 -31.98 -12.36
N ASN C 94 7.26 -32.66 -12.48
CA ASN C 94 6.58 -33.20 -11.33
C ASN C 94 7.16 -34.53 -11.00
N VAL C 95 8.37 -34.53 -10.51
CA VAL C 95 9.00 -35.76 -10.12
C VAL C 95 9.96 -35.49 -9.02
N THR C 96 10.29 -36.51 -8.26
CA THR C 96 11.23 -36.38 -7.16
C THR C 96 12.27 -37.46 -7.24
N VAL C 97 13.51 -37.14 -6.89
CA VAL C 97 14.64 -38.05 -7.07
C VAL C 97 15.56 -37.91 -5.89
N ARG C 98 16.31 -38.97 -5.62
CA ARG C 98 17.29 -38.95 -4.53
C ARG C 98 18.62 -38.77 -5.21
N ALA C 99 19.33 -37.71 -4.83
CA ALA C 99 20.53 -37.35 -5.57
C ALA C 99 21.60 -36.97 -4.59
N ASN C 100 22.85 -37.07 -5.00
CA ASN C 100 23.95 -36.69 -4.12
C ASN C 100 23.89 -35.19 -3.84
N ILE C 101 24.09 -34.82 -2.59
CA ILE C 101 24.16 -33.45 -2.21
C ILE C 101 25.35 -33.32 -1.32
N ALA C 102 26.04 -32.20 -1.40
CA ALA C 102 27.15 -31.97 -0.53
C ALA C 102 26.78 -30.83 0.33
N ALA C 103 26.89 -30.97 1.64
CA ALA C 103 26.52 -29.88 2.50
C ALA C 103 27.75 -29.11 2.87
N ILE C 104 27.83 -27.90 2.36
CA ILE C 104 29.02 -27.10 2.51
C ILE C 104 29.24 -26.77 3.94
N THR C 105 30.45 -27.02 4.43
CA THR C 105 30.79 -26.68 5.78
C THR C 105 31.75 -25.52 5.86
N GLU C 106 32.50 -25.31 4.82
CA GLU C 106 33.37 -24.15 4.77
C GLU C 106 33.49 -23.64 3.37
N SER C 107 33.50 -22.34 3.21
CA SER C 107 33.53 -21.77 1.89
C SER C 107 34.34 -20.53 1.92
N ASP C 108 35.02 -20.24 0.82
CA ASP C 108 35.64 -18.94 0.66
C ASP C 108 35.10 -18.28 -0.60
N LYS C 109 34.50 -17.12 -0.45
CA LYS C 109 34.31 -16.23 -1.57
C LYS C 109 33.36 -16.88 -2.55
N PHE C 110 32.73 -17.95 -2.11
CA PHE C 110 31.69 -18.58 -2.86
C PHE C 110 30.41 -17.79 -2.80
N PHE C 111 29.96 -17.52 -1.58
CA PHE C 111 28.66 -16.94 -1.35
C PHE C 111 28.71 -15.44 -1.57
N ILE C 112 27.63 -14.91 -2.13
CA ILE C 112 27.54 -13.49 -2.43
C ILE C 112 26.45 -12.83 -1.58
N ASN C 113 26.79 -11.69 -0.96
CA ASN C 113 25.90 -11.09 0.00
C ASN C 113 24.59 -10.74 -0.62
N GLY C 114 23.53 -11.18 0.02
CA GLY C 114 22.21 -10.88 -0.45
C GLY C 114 22.02 -11.39 -1.85
N SER C 115 22.80 -12.40 -2.21
CA SER C 115 22.73 -12.99 -3.53
C SER C 115 21.35 -13.58 -3.67
N ASN C 116 20.85 -14.16 -2.57
CA ASN C 116 19.54 -14.77 -2.56
C ASN C 116 19.53 -16.16 -3.20
N TRP C 117 20.71 -16.76 -3.38
CA TRP C 117 20.78 -18.14 -3.73
C TRP C 117 21.70 -18.79 -2.74
N GLU C 118 21.26 -19.91 -2.18
CA GLU C 118 21.98 -20.55 -1.07
C GLU C 118 22.68 -21.86 -1.45
N GLY C 119 22.68 -22.20 -2.73
CA GLY C 119 23.18 -23.50 -3.15
C GLY C 119 23.63 -23.41 -4.57
N ILE C 120 24.35 -24.42 -5.05
CA ILE C 120 24.81 -24.44 -6.42
C ILE C 120 24.41 -25.72 -7.15
N LEU C 121 23.88 -25.60 -8.36
CA LEU C 121 23.57 -26.77 -9.13
C LEU C 121 24.44 -26.86 -10.34
N GLY C 122 25.16 -27.94 -10.50
CA GLY C 122 26.03 -28.05 -11.64
C GLY C 122 25.46 -28.99 -12.64
N LEU C 123 25.25 -28.49 -13.86
CA LEU C 123 24.61 -29.28 -14.91
C LEU C 123 25.64 -29.99 -15.79
N ALA C 124 26.90 -29.76 -15.49
CA ALA C 124 27.98 -30.28 -16.30
C ALA C 124 27.99 -31.74 -16.12
N TYR C 125 28.87 -32.38 -16.86
CA TYR C 125 29.05 -33.80 -16.83
C TYR C 125 29.89 -34.29 -15.69
N ALA C 126 29.87 -35.60 -15.53
CA ALA C 126 30.41 -36.28 -14.40
C ALA C 126 31.90 -36.09 -14.35
N GLU C 127 32.49 -35.93 -15.52
CA GLU C 127 33.95 -35.89 -15.66
C GLU C 127 34.60 -34.96 -14.66
N ILE C 128 33.95 -33.84 -14.37
CA ILE C 128 34.50 -32.85 -13.47
C ILE C 128 33.92 -32.79 -12.09
N ALA C 129 33.15 -33.80 -11.76
CA ALA C 129 32.58 -33.88 -10.46
C ALA C 129 33.75 -34.07 -9.57
N ARG C 130 33.62 -33.66 -8.33
CA ARG C 130 34.65 -33.89 -7.36
C ARG C 130 33.90 -34.63 -6.32
N PRO C 131 34.54 -35.53 -5.60
CA PRO C 131 35.91 -35.97 -5.80
C PRO C 131 36.19 -36.69 -7.10
N ASP C 132 35.25 -37.44 -7.63
CA ASP C 132 35.53 -38.16 -8.86
C ASP C 132 34.30 -38.40 -9.69
N ASP C 133 34.49 -38.93 -10.89
CA ASP C 133 33.39 -39.25 -11.79
C ASP C 133 32.28 -40.15 -11.19
N SER C 134 32.63 -41.02 -10.25
CA SER C 134 31.66 -41.99 -9.75
C SER C 134 30.41 -41.24 -9.27
N LEU C 135 30.72 -40.15 -8.58
CA LEU C 135 29.71 -39.37 -7.91
C LEU C 135 28.89 -38.93 -9.08
N GLU C 136 27.60 -39.12 -8.94
CA GLU C 136 26.69 -38.79 -9.99
C GLU C 136 26.18 -37.40 -9.82
N PRO C 137 26.46 -36.53 -10.77
CA PRO C 137 25.96 -35.18 -10.72
C PRO C 137 24.49 -35.25 -10.94
N PHE C 138 23.75 -34.24 -10.52
CA PHE C 138 22.32 -34.33 -10.34
C PHE C 138 21.51 -34.65 -11.55
N PHE C 139 21.77 -34.02 -12.66
CA PHE C 139 20.86 -34.16 -13.75
C PHE C 139 20.82 -35.60 -14.09
N ASP C 140 21.99 -36.24 -14.02
CA ASP C 140 22.13 -37.58 -14.52
C ASP C 140 21.14 -38.43 -13.75
N SER C 141 20.97 -38.11 -12.47
CA SER C 141 20.07 -38.90 -11.67
C SER C 141 18.70 -38.69 -12.20
N LEU C 142 18.37 -37.45 -12.45
CA LEU C 142 17.03 -37.12 -12.76
C LEU C 142 16.66 -37.90 -13.97
N VAL C 143 17.53 -37.88 -14.95
CA VAL C 143 17.27 -38.61 -16.15
C VAL C 143 17.19 -40.07 -15.85
N LYS C 144 18.09 -40.52 -15.00
CA LYS C 144 18.18 -41.93 -14.68
C LYS C 144 16.97 -42.43 -13.96
N GLN C 145 16.49 -41.64 -13.02
CA GLN C 145 15.47 -42.10 -12.11
C GLN C 145 14.13 -41.72 -12.60
N THR C 146 14.04 -41.22 -13.81
CA THR C 146 12.82 -40.59 -14.25
C THR C 146 12.66 -40.73 -15.72
N HIS C 147 11.53 -40.27 -16.23
CA HIS C 147 11.27 -40.38 -17.63
C HIS C 147 11.64 -39.13 -18.37
N VAL C 148 12.25 -38.19 -17.67
CA VAL C 148 12.55 -36.91 -18.24
C VAL C 148 13.51 -37.09 -19.37
N PRO C 149 13.35 -36.34 -20.44
CA PRO C 149 14.29 -36.42 -21.55
C PRO C 149 15.62 -35.81 -21.15
N ASN C 150 16.69 -36.34 -21.70
CA ASN C 150 18.00 -35.95 -21.26
C ASN C 150 18.44 -34.71 -21.96
N LEU C 151 17.72 -33.63 -21.71
CA LEU C 151 18.13 -32.33 -22.21
C LEU C 151 17.53 -31.24 -21.36
N PHE C 152 18.16 -30.07 -21.38
CA PHE C 152 17.52 -28.89 -20.85
C PHE C 152 17.94 -27.71 -21.69
N SER C 153 17.16 -26.63 -21.62
CA SER C 153 17.48 -25.41 -22.36
C SER C 153 17.34 -24.22 -21.42
N LEU C 154 18.18 -23.21 -21.62
CA LEU C 154 18.11 -22.04 -20.76
C LEU C 154 17.97 -20.72 -21.46
N GLN C 155 16.96 -19.95 -21.09
CA GLN C 155 16.88 -18.57 -21.52
C GLN C 155 17.24 -17.75 -20.32
N LEU C 156 18.26 -16.93 -20.45
CA LEU C 156 18.62 -16.06 -19.38
C LEU C 156 18.25 -14.72 -19.89
N CYS C 157 17.35 -14.05 -19.19
CA CYS C 157 16.94 -12.73 -19.59
C CYS C 157 17.57 -11.80 -18.60
N GLY C 158 18.45 -10.93 -19.09
CA GLY C 158 19.09 -9.99 -18.21
C GLY C 158 18.27 -8.75 -18.04
N ALA C 159 18.71 -7.89 -17.14
CA ALA C 159 18.20 -6.55 -17.05
C ALA C 159 18.83 -5.89 -18.24
N GLY C 160 18.28 -4.79 -18.73
CA GLY C 160 17.13 -4.13 -18.14
C GLY C 160 17.64 -3.10 -17.15
N PHE C 161 16.74 -2.33 -16.53
CA PHE C 161 17.18 -1.40 -15.49
C PHE C 161 17.75 -2.29 -14.40
N PRO C 162 18.86 -1.91 -13.77
CA PRO C 162 19.49 -2.94 -12.93
C PRO C 162 18.55 -3.49 -11.86
N LEU C 163 18.54 -4.80 -11.69
CA LEU C 163 17.73 -5.42 -10.65
C LEU C 163 18.35 -5.00 -9.33
N ASN C 164 17.49 -4.75 -8.34
CA ASN C 164 17.87 -4.31 -6.99
C ASN C 164 16.81 -4.73 -5.96
N GLN C 165 17.14 -4.74 -4.66
CA GLN C 165 16.20 -5.24 -3.67
C GLN C 165 14.72 -4.82 -3.78
N SER C 166 13.83 -5.79 -3.56
CA SER C 166 12.40 -5.59 -3.78
C SER C 166 11.98 -5.28 -5.23
N GLU C 167 12.43 -6.11 -6.15
CA GLU C 167 13.37 -7.17 -5.79
C GLU C 167 14.02 -7.80 -7.01
N VAL C 168 15.09 -8.55 -6.76
CA VAL C 168 15.57 -9.52 -7.72
C VAL C 168 14.46 -10.54 -7.84
N LEU C 169 13.86 -10.84 -6.69
CA LEU C 169 12.74 -11.76 -6.60
C LEU C 169 11.55 -11.22 -7.38
N ALA C 170 11.38 -9.90 -7.32
CA ALA C 170 10.33 -9.23 -8.05
C ALA C 170 10.20 -9.43 -9.56
N SER C 171 11.32 -9.39 -10.28
CA SER C 171 11.31 -9.64 -11.71
C SER C 171 12.22 -10.82 -12.04
N VAL C 172 11.74 -11.78 -12.84
CA VAL C 172 12.55 -12.97 -13.11
C VAL C 172 13.58 -12.86 -14.24
N GLY C 173 14.77 -13.42 -13.98
CA GLY C 173 15.86 -13.45 -14.92
C GLY C 173 15.59 -14.24 -16.17
N GLY C 174 14.93 -15.38 -16.02
CA GLY C 174 14.70 -16.23 -17.15
C GLY C 174 14.11 -17.57 -16.82
N SER C 175 13.99 -18.46 -17.79
CA SER C 175 13.41 -19.79 -17.56
C SER C 175 14.32 -20.98 -17.92
N MET C 176 14.33 -22.00 -17.07
CA MET C 176 15.09 -23.20 -17.30
C MET C 176 14.09 -24.25 -17.63
N ILE C 177 14.17 -24.79 -18.83
CA ILE C 177 13.25 -25.83 -19.28
C ILE C 177 13.92 -27.18 -19.20
N ILE C 178 13.27 -28.13 -18.52
CA ILE C 178 13.87 -29.42 -18.31
C ILE C 178 13.24 -30.46 -19.24
N GLY C 179 14.08 -31.09 -20.04
CA GLY C 179 13.62 -32.14 -20.92
C GLY C 179 12.91 -31.59 -22.11
N GLY C 180 13.12 -30.33 -22.42
CA GLY C 180 12.36 -29.73 -23.47
C GLY C 180 12.86 -28.45 -24.04
N ILE C 181 12.16 -27.97 -25.06
CA ILE C 181 12.34 -26.66 -25.64
C ILE C 181 11.00 -25.97 -25.56
N ASP C 182 10.98 -24.68 -25.25
CA ASP C 182 9.75 -23.91 -25.30
C ASP C 182 9.88 -22.94 -26.46
N HIS C 183 8.94 -22.99 -27.39
CA HIS C 183 9.04 -22.14 -28.54
C HIS C 183 8.70 -20.69 -28.33
N SER C 184 8.02 -20.39 -27.24
CA SER C 184 7.71 -19.00 -26.92
C SER C 184 9.03 -18.28 -26.74
N LEU C 185 9.99 -18.99 -26.14
CA LEU C 185 11.25 -18.41 -25.71
C LEU C 185 12.09 -17.82 -26.83
N TYR C 186 12.15 -18.51 -27.98
CA TYR C 186 13.06 -18.06 -29.01
C TYR C 186 12.33 -17.85 -30.28
N THR C 187 12.92 -17.03 -31.13
CA THR C 187 12.35 -16.73 -32.41
C THR C 187 13.43 -17.01 -33.39
N GLY C 188 13.12 -17.57 -34.53
CA GLY C 188 14.18 -17.87 -35.45
C GLY C 188 14.35 -19.34 -35.56
N SER C 189 15.50 -19.76 -36.07
CA SER C 189 15.79 -21.18 -36.24
C SER C 189 16.99 -21.59 -35.39
N LEU C 190 16.83 -22.69 -34.66
CA LEU C 190 17.84 -23.14 -33.75
C LEU C 190 18.99 -23.63 -34.57
N TRP C 191 20.20 -23.33 -34.14
CA TRP C 191 21.38 -23.77 -34.83
C TRP C 191 22.21 -24.45 -33.80
N TYR C 192 22.83 -25.56 -34.13
CA TYR C 192 23.38 -26.43 -33.13
C TYR C 192 24.83 -26.65 -33.39
N THR C 193 25.63 -26.77 -32.35
CA THR C 193 27.04 -27.04 -32.48
C THR C 193 27.39 -28.23 -31.66
N PRO C 194 28.29 -29.05 -32.14
CA PRO C 194 28.58 -30.30 -31.50
C PRO C 194 29.27 -30.09 -30.19
N ILE C 195 29.02 -30.93 -29.19
CA ILE C 195 29.75 -30.85 -27.96
C ILE C 195 30.94 -31.70 -28.19
N ARG C 196 32.11 -31.09 -28.12
CA ARG C 196 33.32 -31.80 -28.43
C ARG C 196 33.56 -32.86 -27.42
N ARG C 197 33.35 -32.54 -26.15
CA ARG C 197 33.67 -33.48 -25.09
C ARG C 197 32.68 -33.36 -23.95
N GLU C 198 32.30 -34.50 -23.38
CA GLU C 198 31.36 -34.50 -22.29
C GLU C 198 32.08 -34.34 -20.98
N TRP C 199 32.72 -33.21 -20.77
CA TRP C 199 33.13 -32.88 -19.43
C TRP C 199 32.64 -31.55 -18.92
N TYR C 200 32.99 -30.47 -19.52
CA TYR C 200 32.26 -29.24 -19.52
C TYR C 200 31.38 -29.32 -20.71
N TYR C 201 30.71 -28.24 -21.05
CA TYR C 201 29.98 -28.25 -22.29
C TYR C 201 30.96 -27.58 -23.21
N GLU C 202 31.67 -28.39 -23.98
CA GLU C 202 32.81 -27.91 -24.75
C GLU C 202 32.47 -27.78 -26.22
N VAL C 203 32.81 -26.62 -26.77
CA VAL C 203 32.45 -26.29 -28.12
C VAL C 203 33.69 -25.83 -28.83
N ILE C 204 33.64 -25.75 -30.14
CA ILE C 204 34.75 -25.30 -30.92
C ILE C 204 34.35 -24.07 -31.70
N ILE C 205 35.18 -23.04 -31.63
CA ILE C 205 34.90 -21.76 -32.24
C ILE C 205 35.87 -21.65 -33.34
N VAL C 206 35.40 -21.38 -34.54
CA VAL C 206 36.25 -21.42 -35.70
C VAL C 206 36.63 -20.08 -36.27
N ARG C 207 35.94 -19.04 -35.85
CA ARG C 207 36.29 -17.70 -36.30
C ARG C 207 35.79 -16.70 -35.32
N VAL C 208 36.28 -15.50 -35.41
CA VAL C 208 35.71 -14.43 -34.65
C VAL C 208 35.93 -13.23 -35.47
N GLU C 209 34.98 -12.32 -35.51
CA GLU C 209 35.22 -11.06 -36.16
C GLU C 209 34.46 -10.05 -35.38
N ILE C 210 34.98 -8.84 -35.30
CA ILE C 210 34.30 -7.75 -34.62
C ILE C 210 33.81 -6.81 -35.70
N ASN C 211 32.52 -6.52 -35.67
CA ASN C 211 31.95 -5.55 -36.59
C ASN C 211 32.27 -5.98 -38.00
N GLY C 212 32.32 -7.29 -38.21
CA GLY C 212 32.55 -7.81 -39.53
C GLY C 212 33.92 -8.03 -40.09
N GLN C 213 34.95 -7.74 -39.30
CA GLN C 213 36.32 -7.99 -39.71
C GLN C 213 36.92 -9.08 -38.84
N ASP C 214 37.47 -10.10 -39.48
CA ASP C 214 38.01 -11.26 -38.78
C ASP C 214 39.32 -10.93 -38.06
N LEU C 215 39.40 -11.34 -36.79
CA LEU C 215 40.60 -11.14 -36.01
C LEU C 215 41.77 -11.63 -36.83
N LYS C 216 41.58 -12.74 -37.55
CA LYS C 216 42.64 -13.30 -38.40
C LYS C 216 43.79 -13.87 -37.55
N MET C 217 43.45 -14.54 -36.45
CA MET C 217 44.40 -15.31 -35.63
C MET C 217 44.04 -16.79 -35.47
N ASP C 218 45.02 -17.68 -35.36
CA ASP C 218 44.80 -19.10 -35.64
C ASP C 218 43.64 -19.72 -34.86
N CYS C 219 42.87 -20.57 -35.51
CA CYS C 219 41.55 -20.90 -35.03
C CYS C 219 41.76 -21.43 -33.64
N LYS C 220 42.87 -22.12 -33.44
CA LYS C 220 43.17 -22.75 -32.15
C LYS C 220 43.22 -21.75 -31.02
N GLU C 221 43.72 -20.57 -31.29
CA GLU C 221 43.96 -19.64 -30.23
C GLU C 221 42.64 -19.37 -29.57
N TYR C 222 41.58 -19.46 -30.35
CA TYR C 222 40.25 -19.23 -29.83
C TYR C 222 39.89 -20.24 -28.79
N ASN C 223 40.30 -21.47 -29.04
CA ASN C 223 39.82 -22.62 -28.33
C ASN C 223 40.85 -23.13 -27.37
N TYR C 224 41.71 -22.25 -26.88
CA TYR C 224 42.81 -22.71 -26.05
C TYR C 224 42.61 -22.35 -24.59
N ASP C 225 42.60 -23.35 -23.71
CA ASP C 225 42.67 -24.74 -24.13
C ASP C 225 41.26 -25.28 -24.28
N LYS C 226 40.29 -24.50 -23.84
CA LYS C 226 38.90 -24.90 -23.96
C LYS C 226 38.00 -23.72 -24.25
N SER C 227 36.90 -23.99 -24.95
CA SER C 227 35.85 -22.99 -25.11
C SER C 227 34.70 -23.72 -24.53
N ILE C 228 34.02 -23.12 -23.55
CA ILE C 228 32.93 -23.80 -22.86
C ILE C 228 31.77 -22.85 -22.56
N VAL C 229 30.57 -23.41 -22.40
CA VAL C 229 29.41 -22.58 -22.10
C VAL C 229 29.00 -22.67 -20.65
N ASP C 230 29.07 -21.56 -19.94
CA ASP C 230 28.93 -21.59 -18.52
C ASP C 230 27.98 -20.54 -18.08
N SER C 231 26.88 -20.92 -17.44
CA SER C 231 26.00 -19.94 -16.82
C SER C 231 26.78 -19.23 -15.72
N GLY C 232 27.61 -20.03 -15.05
CA GLY C 232 28.31 -19.66 -13.83
C GLY C 232 29.11 -18.40 -13.92
N THR C 233 29.68 -18.12 -15.07
CA THR C 233 30.55 -17.00 -15.23
C THR C 233 29.79 -15.80 -15.73
N THR C 234 29.94 -14.67 -15.02
CA THR C 234 29.26 -13.43 -15.37
C THR C 234 29.72 -12.79 -16.70
N ASN C 235 31.02 -12.79 -16.93
CA ASN C 235 31.60 -12.24 -18.14
C ASN C 235 31.81 -13.11 -19.32
N LEU C 236 32.27 -12.55 -20.42
CA LEU C 236 32.68 -13.34 -21.56
C LEU C 236 34.18 -13.32 -21.45
N ARG C 237 34.78 -14.48 -21.26
CA ARG C 237 36.18 -14.52 -20.96
C ARG C 237 37.04 -15.05 -22.08
N LEU C 238 38.05 -14.31 -22.50
CA LEU C 238 38.85 -14.68 -23.69
C LEU C 238 40.34 -14.92 -23.38
N PRO C 239 40.96 -15.84 -24.12
CA PRO C 239 42.34 -16.24 -23.88
C PRO C 239 43.25 -15.03 -24.03
N LYS C 240 44.24 -14.93 -23.15
CA LYS C 240 44.92 -13.66 -22.94
C LYS C 240 45.30 -13.11 -24.30
N LYS C 241 45.76 -14.00 -25.18
CA LYS C 241 46.14 -13.63 -26.55
C LYS C 241 44.99 -13.14 -27.43
N VAL C 242 43.85 -13.82 -27.37
CA VAL C 242 42.67 -13.36 -28.00
C VAL C 242 42.18 -12.11 -27.38
N PHE C 243 42.29 -12.03 -26.07
CA PHE C 243 41.62 -10.97 -25.38
C PHE C 243 42.12 -9.64 -25.84
N GLU C 244 43.43 -9.47 -25.87
CA GLU C 244 43.93 -8.16 -26.17
C GLU C 244 43.41 -7.86 -27.52
N ALA C 245 43.44 -8.85 -28.38
CA ALA C 245 43.20 -8.61 -29.77
C ALA C 245 41.83 -8.03 -29.90
N ALA C 246 40.88 -8.62 -29.22
CA ALA C 246 39.52 -8.16 -29.32
C ALA C 246 39.43 -6.77 -28.83
N VAL C 247 40.09 -6.50 -27.73
CA VAL C 247 39.90 -5.24 -27.06
C VAL C 247 40.30 -4.06 -27.90
N LYS C 248 41.44 -4.12 -28.55
CA LYS C 248 41.83 -2.94 -29.23
C LYS C 248 40.77 -2.70 -30.26
N SER C 249 40.41 -3.77 -30.94
CA SER C 249 39.61 -3.68 -32.13
C SER C 249 38.33 -3.01 -31.78
N ILE C 250 37.85 -3.29 -30.58
CA ILE C 250 36.69 -2.62 -30.05
C ILE C 250 37.01 -1.14 -29.93
N LYS C 251 38.24 -0.82 -29.54
CA LYS C 251 38.58 0.56 -29.28
C LYS C 251 38.47 1.29 -30.59
N ALA C 252 39.05 0.71 -31.62
CA ALA C 252 39.11 1.38 -32.90
C ALA C 252 37.68 1.60 -33.36
N ALA C 253 36.82 0.61 -33.11
CA ALA C 253 35.39 0.82 -33.25
C ALA C 253 34.87 2.03 -32.45
N SER C 254 35.26 2.14 -31.18
CA SER C 254 34.77 3.22 -30.27
C SER C 254 35.59 4.55 -30.27
N SER C 255 36.48 4.63 -31.26
CA SER C 255 37.35 5.77 -31.49
C SER C 255 36.53 6.99 -31.81
N THR C 256 37.02 8.14 -31.37
CA THR C 256 36.21 9.33 -31.27
C THR C 256 35.62 9.35 -29.87
N GLU C 257 35.97 8.34 -29.06
CA GLU C 257 35.68 8.38 -27.66
C GLU C 257 36.89 7.80 -26.97
N LYS C 258 36.96 7.94 -25.66
CA LYS C 258 38.04 7.32 -24.90
C LYS C 258 37.61 6.88 -23.52
N PHE C 259 38.22 5.82 -23.02
CA PHE C 259 37.84 5.27 -21.72
C PHE C 259 39.07 5.03 -20.87
N PRO C 260 38.92 5.10 -19.56
CA PRO C 260 40.08 4.95 -18.71
C PRO C 260 40.65 3.59 -19.07
N ASP C 261 41.97 3.49 -19.13
CA ASP C 261 42.61 2.28 -19.63
C ASP C 261 42.12 1.18 -18.72
N GLY C 262 41.98 1.52 -17.44
CA GLY C 262 41.48 0.59 -16.47
C GLY C 262 40.08 0.10 -16.80
N PHE C 263 39.20 0.97 -17.31
CA PHE C 263 37.83 0.53 -17.54
C PHE C 263 37.82 -0.73 -18.39
N TRP C 264 38.69 -0.81 -19.39
CA TRP C 264 38.72 -1.98 -20.21
C TRP C 264 38.91 -3.18 -19.33
N LEU C 265 39.73 -3.02 -18.30
CA LEU C 265 40.02 -4.13 -17.42
C LEU C 265 38.69 -4.56 -16.83
N GLY C 266 37.83 -3.58 -16.58
CA GLY C 266 36.63 -3.83 -15.82
C GLY C 266 36.80 -3.53 -14.36
N GLU C 267 37.97 -2.98 -14.01
CA GLU C 267 38.20 -2.16 -12.81
C GLU C 267 37.60 -0.73 -12.77
N GLN C 268 37.75 0.04 -13.86
CA GLN C 268 37.04 1.30 -14.08
C GLN C 268 35.61 1.15 -14.59
N LEU C 269 34.70 2.06 -14.23
CA LEU C 269 33.28 1.96 -14.61
C LEU C 269 32.72 3.24 -15.29
N VAL C 270 31.65 3.11 -16.08
CA VAL C 270 31.20 4.26 -16.86
C VAL C 270 29.70 4.55 -16.88
N CYS C 271 29.36 5.84 -16.82
CA CYS C 271 27.95 6.29 -16.91
C CYS C 271 27.68 7.32 -18.01
N TRP C 272 26.54 7.20 -18.66
CA TRP C 272 26.10 8.10 -19.73
C TRP C 272 24.77 8.67 -19.27
N GLN C 273 24.50 9.93 -19.58
CA GLN C 273 23.31 10.57 -19.05
C GLN C 273 22.13 9.75 -19.51
N ALA C 274 21.20 9.46 -18.61
CA ALA C 274 20.24 8.44 -18.90
C ALA C 274 19.63 8.56 -20.26
N GLY C 275 19.55 7.45 -20.96
CA GLY C 275 18.92 7.40 -22.26
C GLY C 275 19.66 7.88 -23.48
N THR C 276 20.91 8.28 -23.29
CA THR C 276 21.76 8.78 -24.38
C THR C 276 23.00 7.91 -24.66
N THR C 277 22.92 6.70 -24.11
CA THR C 277 24.04 5.78 -24.08
C THR C 277 24.42 5.60 -25.51
N PRO C 278 25.69 5.84 -25.79
CA PRO C 278 26.09 6.00 -27.18
C PRO C 278 26.29 4.64 -27.81
N TRP C 279 25.27 3.79 -27.81
CA TRP C 279 25.61 2.41 -28.22
C TRP C 279 26.18 2.16 -29.66
N ASN C 280 25.71 2.90 -30.66
CA ASN C 280 25.95 2.68 -32.06
C ASN C 280 27.42 2.79 -32.36
N ILE C 281 28.16 3.51 -31.53
CA ILE C 281 29.62 3.54 -31.73
C ILE C 281 30.31 2.15 -31.63
N PHE C 282 29.86 1.33 -30.67
CA PHE C 282 30.43 0.01 -30.39
C PHE C 282 30.24 -1.04 -31.49
N PRO C 283 31.17 -1.96 -31.61
CA PRO C 283 31.13 -2.96 -32.69
C PRO C 283 30.77 -4.37 -32.21
N VAL C 284 29.81 -5.01 -32.89
CA VAL C 284 29.35 -6.35 -32.53
C VAL C 284 30.40 -7.43 -32.72
N ILE C 285 30.36 -8.46 -31.88
CA ILE C 285 31.30 -9.54 -31.91
C ILE C 285 30.55 -10.75 -32.31
N SER C 286 31.07 -11.45 -33.31
CA SER C 286 30.43 -12.65 -33.82
C SER C 286 31.37 -13.84 -33.67
N LEU C 287 30.86 -14.90 -33.07
CA LEU C 287 31.62 -16.12 -32.91
C LEU C 287 31.02 -17.12 -33.83
N TYR C 288 31.84 -17.84 -34.56
CA TYR C 288 31.38 -18.81 -35.50
C TYR C 288 31.67 -20.11 -34.86
N LEU C 289 30.74 -21.05 -34.94
CA LEU C 289 30.87 -22.28 -34.21
C LEU C 289 30.71 -23.47 -35.12
N MET C 290 31.31 -24.58 -34.73
CA MET C 290 31.35 -25.74 -35.60
C MET C 290 29.93 -26.14 -35.91
N GLY C 291 29.69 -26.41 -37.19
CA GLY C 291 28.39 -26.80 -37.67
C GLY C 291 28.13 -28.21 -37.27
N GLU C 292 26.96 -28.70 -37.60
CA GLU C 292 26.60 -30.07 -37.37
C GLU C 292 26.96 -30.91 -38.56
N VAL C 293 27.42 -30.26 -39.61
CA VAL C 293 27.63 -30.88 -40.90
C VAL C 293 28.99 -30.56 -41.45
N THR C 294 29.42 -31.33 -42.42
CA THR C 294 30.77 -31.24 -42.88
C THR C 294 31.03 -29.85 -43.34
N ASN C 295 32.06 -29.25 -42.80
CA ASN C 295 32.52 -27.96 -43.24
C ASN C 295 31.47 -26.90 -43.10
N GLN C 296 30.53 -27.08 -42.19
CA GLN C 296 29.41 -26.16 -42.03
C GLN C 296 29.41 -25.51 -40.64
N SER C 297 29.24 -24.19 -40.59
CA SER C 297 29.31 -23.49 -39.34
C SER C 297 28.34 -22.38 -39.36
N PHE C 298 28.16 -21.75 -38.22
CA PHE C 298 27.26 -20.65 -38.08
C PHE C 298 27.80 -19.69 -37.06
N ARG C 299 27.18 -18.54 -36.94
CA ARG C 299 27.71 -17.51 -36.09
C ARG C 299 26.65 -16.96 -35.22
N ILE C 300 27.02 -16.57 -34.02
CA ILE C 300 26.10 -15.88 -33.15
C ILE C 300 26.67 -14.51 -32.90
N THR C 301 25.84 -13.50 -32.99
CA THR C 301 26.27 -12.12 -32.88
C THR C 301 25.50 -11.52 -31.71
N ILE C 302 26.22 -10.81 -30.84
CA ILE C 302 25.60 -10.14 -29.71
C ILE C 302 25.84 -8.64 -29.63
N LEU C 303 24.79 -7.87 -29.35
CA LEU C 303 24.89 -6.42 -29.19
C LEU C 303 25.62 -5.97 -27.90
N PRO C 304 26.17 -4.78 -27.94
CA PRO C 304 27.04 -4.35 -26.86
C PRO C 304 26.13 -4.48 -25.67
N GLN C 305 24.83 -4.47 -25.96
CA GLN C 305 23.91 -4.47 -24.86
C GLN C 305 24.32 -5.61 -24.00
N GLN C 306 24.61 -6.73 -24.65
CA GLN C 306 25.29 -7.87 -24.07
C GLN C 306 26.72 -7.47 -23.73
N TYR C 307 27.30 -6.65 -24.58
CA TYR C 307 28.72 -6.33 -24.52
C TYR C 307 29.07 -5.66 -23.20
N LEU C 308 28.21 -4.75 -22.72
CA LEU C 308 28.47 -4.17 -21.40
C LEU C 308 27.32 -4.44 -20.41
N ARG C 309 27.65 -4.39 -19.11
CA ARG C 309 26.78 -4.74 -18.03
C ARG C 309 26.34 -3.55 -17.21
N PRO C 310 25.04 -3.34 -17.12
CA PRO C 310 24.49 -2.23 -16.37
C PRO C 310 24.77 -2.43 -14.90
N VAL C 311 24.99 -1.33 -14.16
CA VAL C 311 25.33 -1.40 -12.72
C VAL C 311 24.87 -0.18 -11.90
N GLU C 312 24.80 -0.32 -10.57
CA GLU C 312 24.35 0.77 -9.71
C GLU C 312 25.33 1.97 -9.56
N ASP C 313 24.79 3.18 -9.48
CA ASP C 313 25.70 4.28 -9.46
C ASP C 313 26.45 4.00 -8.19
N VAL C 314 27.77 3.84 -8.31
CA VAL C 314 28.67 3.83 -7.16
C VAL C 314 28.62 5.24 -6.59
N ALA C 315 28.62 6.19 -7.51
CA ALA C 315 28.33 7.58 -7.21
C ALA C 315 26.98 7.81 -7.86
N THR C 316 26.08 8.44 -7.12
CA THR C 316 24.66 8.43 -7.39
C THR C 316 24.29 8.95 -8.78
N SER C 317 25.06 9.88 -9.32
CA SER C 317 24.75 10.42 -10.65
C SER C 317 23.39 11.12 -10.62
N GLN C 318 22.51 10.81 -11.58
CA GLN C 318 22.51 9.51 -12.22
C GLN C 318 22.56 9.56 -13.74
N ASP C 319 23.52 8.83 -14.31
CA ASP C 319 23.44 8.44 -15.72
C ASP C 319 23.64 6.92 -15.80
N ASP C 320 22.92 6.24 -16.71
CA ASP C 320 23.14 4.82 -16.90
C ASP C 320 24.63 4.52 -16.88
N CYS C 321 24.99 3.51 -16.10
CA CYS C 321 26.39 3.10 -15.93
C CYS C 321 26.55 1.60 -16.24
N TYR C 322 27.64 1.25 -16.92
CA TYR C 322 27.87 -0.11 -17.35
C TYR C 322 29.31 -0.47 -17.11
N LYS C 323 29.59 -1.77 -17.03
CA LYS C 323 30.93 -2.26 -16.86
C LYS C 323 31.26 -3.25 -17.96
N PHE C 324 32.47 -3.17 -18.48
CA PHE C 324 32.83 -4.01 -19.59
C PHE C 324 32.74 -5.42 -19.11
N ALA C 325 32.03 -6.25 -19.85
CA ALA C 325 31.77 -7.60 -19.39
C ALA C 325 32.71 -8.62 -19.95
N ILE C 326 33.76 -8.20 -20.61
CA ILE C 326 34.66 -9.13 -21.26
C ILE C 326 35.97 -9.25 -20.55
N SER C 327 36.39 -10.48 -20.27
CA SER C 327 37.54 -10.71 -19.39
C SER C 327 38.59 -11.70 -19.92
N GLN C 328 39.80 -11.51 -19.42
CA GLN C 328 40.94 -12.36 -19.74
C GLN C 328 40.79 -13.73 -19.12
N SER C 329 41.14 -14.78 -19.85
CA SER C 329 41.09 -16.12 -19.29
C SER C 329 42.40 -16.87 -19.54
N SER C 330 42.93 -17.49 -18.48
CA SER C 330 44.07 -18.37 -18.60
C SER C 330 43.61 -19.82 -18.72
N THR C 331 42.29 -20.02 -18.60
CA THR C 331 41.71 -21.36 -18.65
C THR C 331 41.07 -21.70 -19.98
N GLY C 332 41.16 -20.79 -20.94
CA GLY C 332 40.48 -20.94 -22.21
C GLY C 332 39.28 -20.04 -22.25
N THR C 333 38.49 -20.13 -23.31
CA THR C 333 37.31 -19.31 -23.48
C THR C 333 36.16 -19.72 -22.63
N VAL C 334 35.39 -18.76 -22.16
CA VAL C 334 34.19 -19.06 -21.43
C VAL C 334 33.03 -18.22 -21.87
N MET C 335 31.92 -18.82 -22.21
CA MET C 335 30.79 -18.04 -22.63
C MET C 335 29.90 -17.84 -21.46
N GLY C 336 29.96 -16.67 -20.88
CA GLY C 336 29.22 -16.41 -19.68
C GLY C 336 27.85 -15.94 -20.02
N ALA C 337 27.23 -15.32 -19.04
CA ALA C 337 25.88 -14.91 -19.15
C ALA C 337 25.78 -13.92 -20.28
N VAL C 338 26.78 -13.10 -20.45
CA VAL C 338 26.61 -12.03 -21.39
C VAL C 338 26.35 -12.63 -22.72
N ILE C 339 27.10 -13.66 -23.10
CA ILE C 339 26.76 -14.37 -24.30
C ILE C 339 25.42 -15.05 -24.20
N MET C 340 25.21 -15.75 -23.12
CA MET C 340 24.04 -16.58 -23.02
C MET C 340 22.78 -15.77 -23.06
N GLU C 341 22.81 -14.55 -22.55
CA GLU C 341 21.59 -13.78 -22.35
C GLU C 341 20.88 -13.56 -23.67
N GLY C 342 21.67 -13.31 -24.71
CA GLY C 342 21.15 -12.98 -26.01
C GLY C 342 20.31 -14.08 -26.61
N PHE C 343 20.56 -15.29 -26.17
CA PHE C 343 20.11 -16.45 -26.88
C PHE C 343 19.35 -17.40 -26.02
N TYR C 344 18.60 -18.28 -26.67
CA TYR C 344 17.97 -19.39 -25.98
C TYR C 344 18.89 -20.55 -26.28
N VAL C 345 19.48 -21.11 -25.24
CA VAL C 345 20.52 -22.09 -25.42
C VAL C 345 19.99 -23.43 -25.02
N VAL C 346 20.24 -24.43 -25.83
CA VAL C 346 19.68 -25.74 -25.59
C VAL C 346 20.78 -26.73 -25.47
N PHE C 347 20.89 -27.41 -24.33
CA PHE C 347 21.91 -28.40 -24.20
C PHE C 347 21.31 -29.74 -24.46
N ASP C 348 21.48 -30.20 -25.68
CA ASP C 348 20.93 -31.47 -26.06
C ASP C 348 21.91 -32.53 -25.74
N ARG C 349 21.96 -32.91 -24.49
CA ARG C 349 22.91 -33.88 -24.05
C ARG C 349 22.65 -35.12 -24.82
N ALA C 350 21.40 -35.33 -25.16
CA ALA C 350 20.96 -36.58 -25.70
C ALA C 350 21.66 -36.81 -26.98
N ARG C 351 21.71 -35.77 -27.77
CA ARG C 351 22.34 -35.83 -29.06
C ARG C 351 23.65 -35.14 -28.92
N LYS C 352 24.02 -34.79 -27.69
CA LYS C 352 25.35 -34.26 -27.39
C LYS C 352 25.69 -33.02 -28.22
N ARG C 353 24.72 -32.12 -28.36
CA ARG C 353 24.87 -30.95 -29.17
C ARG C 353 24.24 -29.85 -28.39
N ILE C 354 24.64 -28.63 -28.69
CA ILE C 354 24.10 -27.47 -28.04
C ILE C 354 23.55 -26.56 -29.09
N GLY C 355 22.33 -26.13 -28.92
CA GLY C 355 21.65 -25.37 -29.94
C GLY C 355 21.45 -23.97 -29.44
N PHE C 356 21.51 -23.00 -30.33
CA PHE C 356 21.39 -21.60 -29.91
C PHE C 356 20.49 -20.82 -30.85
N ALA C 357 19.51 -20.13 -30.29
CA ALA C 357 18.60 -19.38 -31.10
C ALA C 357 18.41 -18.02 -30.47
N VAL C 358 17.99 -17.05 -31.28
CA VAL C 358 17.81 -15.69 -30.77
C VAL C 358 16.75 -15.74 -29.69
N SER C 359 16.96 -14.99 -28.61
CA SER C 359 16.09 -15.12 -27.48
C SER C 359 15.03 -14.08 -27.45
N ALA C 360 13.82 -14.51 -27.11
CA ALA C 360 12.65 -13.64 -27.10
C ALA C 360 12.84 -12.52 -26.10
N CYS C 361 13.45 -12.85 -24.97
CA CYS C 361 13.82 -11.84 -23.97
C CYS C 361 15.20 -11.27 -24.30
N HIS C 362 15.29 -10.61 -25.45
CA HIS C 362 16.55 -10.06 -25.94
C HIS C 362 16.51 -8.55 -25.92
N VAL C 363 17.54 -7.92 -25.37
CA VAL C 363 17.53 -6.47 -25.20
C VAL C 363 18.12 -5.84 -26.44
N HIS C 364 17.29 -5.14 -27.20
CA HIS C 364 17.71 -4.64 -28.51
C HIS C 364 17.50 -3.14 -28.75
N ASP C 365 18.43 -2.57 -29.50
CA ASP C 365 18.28 -1.23 -30.04
C ASP C 365 17.71 -1.44 -31.42
N GLU C 366 17.05 -0.43 -31.96
CA GLU C 366 16.32 -0.61 -33.21
C GLU C 366 17.23 -0.96 -34.37
N PHE C 367 18.40 -0.32 -34.44
CA PHE C 367 19.28 -0.55 -35.54
C PHE C 367 19.94 -1.90 -35.64
N ARG C 368 20.31 -2.48 -34.52
CA ARG C 368 20.94 -3.77 -34.55
C ARG C 368 20.22 -4.71 -33.63
N THR C 369 20.30 -5.99 -33.95
CA THR C 369 19.70 -7.04 -33.13
C THR C 369 20.64 -8.22 -33.05
N ALA C 370 20.48 -9.04 -32.02
CA ALA C 370 21.29 -10.23 -31.86
C ALA C 370 20.87 -11.22 -32.91
N ALA C 371 21.79 -12.01 -33.43
CA ALA C 371 21.41 -12.98 -34.41
C ALA C 371 22.22 -14.24 -34.41
N VAL C 372 21.59 -15.31 -34.87
CA VAL C 372 22.27 -16.55 -35.12
C VAL C 372 21.99 -16.80 -36.57
N GLU C 373 23.05 -16.94 -37.37
CA GLU C 373 22.89 -17.05 -38.81
C GLU C 373 23.64 -18.26 -39.34
N GLY C 374 23.01 -18.97 -40.24
CA GLY C 374 23.58 -20.15 -40.83
C GLY C 374 23.02 -20.22 -42.22
N PRO C 375 23.69 -20.92 -43.11
CA PRO C 375 24.87 -21.70 -42.82
C PRO C 375 26.09 -21.04 -43.38
N PHE C 376 27.27 -21.47 -42.97
CA PHE C 376 28.50 -20.94 -43.48
C PHE C 376 29.43 -22.07 -43.78
N VAL C 377 30.49 -21.81 -44.52
CA VAL C 377 31.47 -22.82 -44.81
C VAL C 377 32.78 -22.48 -44.15
N THR C 378 33.25 -23.41 -43.34
CA THR C 378 34.53 -23.30 -42.64
C THR C 378 35.27 -24.60 -42.84
N LEU C 379 36.59 -24.56 -42.92
CA LEU C 379 37.36 -25.74 -43.35
C LEU C 379 38.38 -26.22 -42.31
N ASP C 380 38.49 -27.54 -42.14
CA ASP C 380 39.41 -28.06 -41.16
C ASP C 380 39.03 -27.53 -39.81
N MET C 381 37.74 -27.59 -39.52
CA MET C 381 37.24 -27.08 -38.27
C MET C 381 37.91 -27.86 -37.16
N GLU C 382 38.10 -29.14 -37.41
CA GLU C 382 38.47 -30.07 -36.39
C GLU C 382 39.72 -29.51 -35.78
N ASP C 383 40.57 -28.97 -36.63
CA ASP C 383 41.88 -28.54 -36.23
C ASP C 383 41.79 -27.27 -35.41
N CYS C 384 40.59 -26.71 -35.30
CA CYS C 384 40.43 -25.48 -34.53
C CYS C 384 40.82 -25.75 -33.09
N GLY C 385 40.49 -26.97 -32.68
CA GLY C 385 40.30 -27.36 -31.31
C GLY C 385 41.61 -27.74 -30.69
N TYR C 386 41.85 -27.32 -29.46
CA TYR C 386 43.13 -27.51 -28.84
C TYR C 386 43.40 -28.93 -28.43
N ASN C 387 44.64 -29.35 -28.61
CA ASN C 387 45.06 -30.67 -28.21
C ASN C 387 46.42 -30.59 -27.54
N ILE C 388 46.48 -30.97 -26.27
CA ILE C 388 47.72 -30.92 -25.51
C ILE C 388 48.90 -31.41 -26.36
N GLU D 1 -10.14 -16.32 -6.67
CA GLU D 1 -9.90 -14.93 -7.01
C GLU D 1 -9.54 -14.78 -8.49
N ILE D 2 -9.17 -13.60 -8.95
CA ILE D 2 -8.47 -13.53 -10.23
C ILE D 2 -7.28 -12.61 -10.08
N TIH D 3 -6.11 -12.96 -10.61
CA TIH D 3 -5.07 -12.01 -10.30
C TIH D 3 -4.56 -11.18 -11.44
O TIH D 3 -4.23 -10.00 -11.25
CB TIH D 3 -3.95 -12.73 -9.58
CG TIH D 3 -4.31 -13.06 -8.16
CD TIH D 3 -5.23 -13.84 -7.52
CE1 TIH D 3 -5.11 -13.83 -6.16
CE2 TIH D 3 -4.11 -13.05 -5.65
SD TIH D 3 -3.34 -12.35 -6.99
C19 TVA D 4 -5.57 -10.93 -14.98
C20 TVA D 4 -6.14 -12.32 -14.90
C21 TVA D 4 -6.44 -13.20 -13.86
C22 TVA D 4 -6.97 -14.42 -14.31
N TVA D 4 -5.01 -11.29 -12.62
CA TVA D 4 -4.50 -10.76 -13.91
S2 TVA D 4 -6.54 -13.08 -16.40
C24 TVA D 4 -7.11 -14.55 -15.70
C25 TVA D 4 -4.12 -9.29 -13.74
O6 TVA D 4 -4.23 -8.62 -15.01
C26 TVA D 4 -2.70 -9.15 -13.22
N5 TVA D 4 -1.44 -8.51 -13.49
C27 TVA D 4 -0.35 -7.68 -13.05
C28 TVA D 4 0.37 -7.11 -14.28
C29 TVA D 4 0.81 -8.23 -15.21
C30 TVA D 4 0.29 -7.99 -16.61
C TVA D 4 -0.88 -6.54 -12.22
O TVA D 4 -0.63 -6.52 -11.00
OXT TVA D 4 -1.56 -5.66 -12.78
N GLU E 1 -24.26 17.34 36.41
CA GLU E 1 -23.55 17.98 35.32
C GLU E 1 -23.91 19.37 35.42
N ILE E 2 -23.29 20.21 34.58
CA ILE E 2 -23.31 21.63 34.85
C ILE E 2 -23.24 22.37 33.54
N TIH E 3 -24.25 23.35 33.54
CA TIH E 3 -24.37 24.09 32.34
C TIH E 3 -24.35 25.56 32.64
O TIH E 3 -25.34 26.22 32.56
CB TIH E 3 -25.70 23.69 31.76
CG TIH E 3 -25.91 22.23 31.58
CD TIH E 3 -25.65 21.12 32.31
CE1 TIH E 3 -26.09 19.95 31.71
CE2 TIH E 3 -26.72 20.08 30.51
SD TIH E 3 -26.72 21.75 30.21
C19 TVA E 4 -21.66 27.48 34.25
C20 TVA E 4 -22.20 26.90 35.53
C21 TVA E 4 -23.33 26.17 35.88
C22 TVA E 4 -23.38 25.85 37.25
N TVA E 4 -23.19 26.00 33.01
CA TVA E 4 -22.74 27.40 33.17
S2 TVA E 4 -21.23 27.15 36.95
C24 TVA E 4 -22.31 26.30 38.01
C25 TVA E 4 -22.22 27.91 31.83
O6 TVA E 4 -21.81 29.28 31.97
C26 TVA E 4 -23.30 27.81 30.75
N5 TVA E 4 -23.36 28.48 29.46
C27 TVA E 4 -24.22 28.74 28.33
C28 TVA E 4 -23.53 29.71 27.38
C29 TVA E 4 -22.03 29.72 27.62
C30 TVA E 4 -21.27 30.11 26.37
C TVA E 4 -24.51 27.46 27.61
O TVA E 4 -24.00 26.41 28.04
OXT TVA E 4 -25.27 27.49 26.61
N GLU F 1 30.55 -10.05 -9.65
CA GLU F 1 30.63 -11.11 -10.64
C GLU F 1 30.59 -12.49 -10.00
N ILE F 2 30.18 -13.52 -10.74
CA ILE F 2 30.54 -14.90 -10.32
C ILE F 2 31.41 -15.68 -11.33
N TIH F 3 32.41 -16.44 -10.87
CA TIH F 3 33.15 -17.27 -11.80
C TIH F 3 33.03 -18.71 -11.41
O TIH F 3 33.84 -19.52 -11.89
CB TIH F 3 34.57 -16.78 -11.56
CG TIH F 3 34.72 -15.42 -12.18
CD TIH F 3 34.09 -14.19 -11.95
CE1 TIH F 3 34.57 -13.20 -12.80
CE2 TIH F 3 35.55 -13.61 -13.68
SD TIH F 3 35.88 -15.31 -13.46
C19 TVA F 4 30.45 -20.96 -10.13
C20 TVA F 4 30.44 -19.91 -9.05
C21 TVA F 4 31.30 -18.89 -8.68
C22 TVA F 4 30.84 -18.17 -7.56
N TVA F 4 31.73 -19.45 -11.58
CA TVA F 4 31.70 -20.79 -10.98
S2 TVA F 4 29.09 -19.92 -7.97
C24 TVA F 4 29.63 -18.58 -7.02
C25 TVA F 4 31.74 -21.84 -12.10
O6 TVA F 4 31.53 -23.14 -11.54
C26 TVA F 4 33.07 -21.80 -12.83
N5 TVA F 4 33.85 -22.77 -13.56
C27 TVA F 4 35.04 -22.95 -14.39
C28 TVA F 4 35.27 -24.43 -14.62
C29 TVA F 4 36.11 -25.03 -13.48
C30 TVA F 4 35.28 -25.99 -12.65
C TVA F 4 34.83 -22.27 -15.71
O TVA F 4 35.27 -21.12 -15.87
OXT TVA F 4 34.20 -22.89 -16.60
#